data_4EPE
#
_entry.id   4EPE
#
_cell.length_a   170.697
_cell.length_b   170.697
_cell.length_c   170.697
_cell.angle_alpha   90.00
_cell.angle_beta   90.00
_cell.angle_gamma   90.00
#
_symmetry.space_group_name_H-M   'I 21 3'
#
loop_
_entity.id
_entity.type
_entity.pdbx_description
1 polymer 'Urease subunit alpha'
2 polymer 'Urease subunit beta'
3 polymer 'Urease subunit gamma'
4 non-polymer 'NICKEL (II) ION'
5 water water
#
loop_
_entity_poly.entity_id
_entity_poly.type
_entity_poly.pdbx_seq_one_letter_code
_entity_poly.pdbx_strand_id
1 'polypeptide(L)'
;SNISRQAYADMFGPTVGDKVRLADTELWIEVEDDLTTYGEEVKFGGGKVIRDGMGQGQMLAADCVDLVLTNALIVDHWGI
VKADIGVKDGRIFAIGKAGNPDIQPNVTIPIGAATEVIAAEGKIVTAGGIDTHIHWICPQQAEEALVSGVTTMVGGGTGP
AAGTHATTCTPGPWYISRMLQAADSLPVNIGLLGKGNVSQPDALREQVAAGVIGL(KCX)IHEDWGATPAAIDCALTVAD
EMDIQVALHSDTLNESGFVEDTLAAIGGRTIHTFHTEGAGGGHAPDIITACAHPNILPSSTNPTLPYTLNTIDEHLDMLM
VCHHLDPDIAEDVAFAESRIRRETIAAEDVLHDLGAFSLTSSDSQAMGRVGEVILRTWQVAHRMKVQRGALAEETGDNDN
FRVKRYIAKYTINPALTHGIAHEVGSIEVGKLADLVVWSPAFFGVKPATVIKGGMIAIAPMGDINASIPTPQPVHYRPMF
GALGSARHHCRLTFLSQAAAANGVAERLNLRSAIAVVKGCRTVQKADMVHNSLQPNITVDAQTYEVRVDGELITSEPADV
LPMAQRYFLF
;
C
2 'polypeptide(L)'
;MIPGEYHVKPGQIALNTGRATCRVVVENHGDRPIQVGSHYHFAEVNPALKFDRQQAAGYRLNIPAGTAVRFEPGQKREVE
LVAFAGHRAVFGFRGEVMGPL
;
B
3 'polypeptide(L)'
;MELTPREKDKLLLFTAALVAERRLARGLKLNYPESVALISAFIMEGARDGKSVASLMEEGRHVLTREQVMEGVPEMIPDI
QVEATFPDGSKLVTVHNPII
;
A
#
loop_
_chem_comp.id
_chem_comp.type
_chem_comp.name
_chem_comp.formula
NI non-polymer 'NICKEL (II) ION' 'Ni 2'
#
# COMPACT_ATOMS: atom_id res chain seq x y z
N SER A 1 -16.30 -31.61 -15.11
CA SER A 1 -15.29 -31.50 -14.07
C SER A 1 -15.64 -30.41 -13.03
N ASN A 2 -15.57 -30.76 -11.74
CA ASN A 2 -15.90 -29.84 -10.64
C ASN A 2 -14.79 -29.80 -9.59
N ILE A 3 -14.74 -28.71 -8.84
CA ILE A 3 -13.77 -28.54 -7.76
C ILE A 3 -14.53 -27.90 -6.60
N SER A 4 -14.19 -28.23 -5.34
CA SER A 4 -14.88 -27.59 -4.21
C SER A 4 -14.39 -26.12 -4.10
N ARG A 5 -15.23 -25.24 -3.53
CA ARG A 5 -14.89 -23.83 -3.37
C ARG A 5 -13.68 -23.63 -2.47
N GLN A 6 -13.50 -24.48 -1.44
CA GLN A 6 -12.34 -24.42 -0.55
C GLN A 6 -11.06 -24.77 -1.30
N ALA A 7 -11.04 -25.86 -2.10
CA ALA A 7 -9.84 -26.23 -2.85
C ALA A 7 -9.55 -25.16 -3.92
N TYR A 8 -10.63 -24.60 -4.53
CA TYR A 8 -10.50 -23.54 -5.53
C TYR A 8 -9.79 -22.32 -4.90
N ALA A 9 -10.28 -21.85 -3.72
CA ALA A 9 -9.68 -20.67 -3.06
C ALA A 9 -8.21 -20.89 -2.67
N ASP A 10 -7.84 -22.12 -2.32
CA ASP A 10 -6.46 -22.44 -1.98
C ASP A 10 -5.52 -22.40 -3.19
N MET A 11 -6.03 -22.70 -4.39
CA MET A 11 -5.22 -22.71 -5.61
C MET A 11 -5.24 -21.36 -6.36
N PHE A 12 -6.39 -20.67 -6.39
CA PHE A 12 -6.51 -19.47 -7.20
C PHE A 12 -6.83 -18.19 -6.47
N GLY A 13 -7.03 -18.28 -5.16
CA GLY A 13 -7.47 -17.14 -4.36
C GLY A 13 -9.00 -17.15 -4.32
N PRO A 14 -9.62 -16.30 -3.47
CA PRO A 14 -11.09 -16.31 -3.37
C PRO A 14 -11.81 -15.88 -4.63
N THR A 15 -13.07 -16.28 -4.73
CA THR A 15 -13.93 -15.89 -5.85
C THR A 15 -15.24 -15.23 -5.36
N VAL A 16 -16.18 -14.88 -6.26
CA VAL A 16 -17.45 -14.20 -5.92
C VAL A 16 -18.15 -14.76 -4.68
N GLY A 17 -18.43 -13.91 -3.69
CA GLY A 17 -19.13 -14.31 -2.47
C GLY A 17 -18.23 -14.72 -1.32
N ASP A 18 -16.96 -15.02 -1.60
CA ASP A 18 -16.02 -15.38 -0.53
C ASP A 18 -15.64 -14.09 0.17
N LYS A 19 -15.34 -14.18 1.47
CA LYS A 19 -14.96 -13.05 2.32
C LYS A 19 -13.55 -13.24 2.89
N VAL A 20 -12.83 -12.12 3.07
CA VAL A 20 -11.46 -12.08 3.57
C VAL A 20 -11.40 -11.05 4.69
N ARG A 21 -10.75 -11.40 5.80
CA ARG A 21 -10.52 -10.46 6.90
C ARG A 21 -9.26 -9.63 6.58
N LEU A 22 -9.31 -8.32 6.79
CA LEU A 22 -8.17 -7.45 6.54
C LEU A 22 -7.26 -7.49 7.76
N ALA A 23 -6.07 -8.11 7.61
CA ALA A 23 -5.07 -8.24 8.69
C ALA A 23 -5.75 -8.77 9.97
N ASP A 24 -5.48 -8.20 11.16
CA ASP A 24 -6.12 -8.66 12.38
C ASP A 24 -7.24 -7.69 12.80
N THR A 25 -7.86 -7.00 11.85
CA THR A 25 -8.95 -6.05 12.17
C THR A 25 -10.27 -6.84 12.12
N GLU A 26 -11.41 -6.13 12.32
CA GLU A 26 -12.77 -6.66 12.21
C GLU A 26 -13.38 -6.31 10.85
N LEU A 27 -12.55 -5.86 9.89
CA LEU A 27 -13.06 -5.52 8.56
C LEU A 27 -12.99 -6.72 7.66
N TRP A 28 -14.09 -6.99 6.96
CA TRP A 28 -14.19 -8.10 6.01
C TRP A 28 -14.58 -7.56 4.67
N ILE A 29 -13.90 -8.00 3.64
CA ILE A 29 -14.26 -7.61 2.30
C ILE A 29 -14.89 -8.84 1.68
N GLU A 30 -15.78 -8.64 0.72
CA GLU A 30 -16.43 -9.73 -0.01
C GLU A 30 -16.13 -9.52 -1.49
N VAL A 31 -15.71 -10.59 -2.18
CA VAL A 31 -15.42 -10.51 -3.62
C VAL A 31 -16.73 -10.23 -4.35
N GLU A 32 -16.79 -9.10 -5.02
CA GLU A 32 -18.00 -8.65 -5.71
C GLU A 32 -18.18 -9.24 -7.07
N ASP A 33 -17.06 -9.47 -7.78
CA ASP A 33 -17.09 -9.96 -9.15
C ASP A 33 -15.79 -10.67 -9.45
N ASP A 34 -15.80 -11.54 -10.47
CA ASP A 34 -14.61 -12.29 -10.89
C ASP A 34 -14.61 -12.31 -12.40
N LEU A 35 -13.55 -11.76 -13.01
CA LEU A 35 -13.45 -11.64 -14.47
C LEU A 35 -12.91 -12.88 -15.20
N THR A 36 -12.64 -13.99 -14.47
CA THR A 36 -12.12 -15.21 -15.13
C THR A 36 -13.23 -16.01 -15.81
N THR A 37 -12.82 -17.10 -16.46
CA THR A 37 -13.67 -18.15 -17.00
C THR A 37 -13.17 -19.36 -16.21
N TYR A 38 -14.02 -19.92 -15.33
CA TYR A 38 -13.62 -21.06 -14.49
C TYR A 38 -13.10 -22.22 -15.32
N GLY A 39 -11.86 -22.57 -15.05
CA GLY A 39 -11.13 -23.63 -15.74
C GLY A 39 -10.03 -23.07 -16.60
N GLU A 40 -10.07 -21.75 -16.88
CA GLU A 40 -9.10 -21.09 -17.76
C GLU A 40 -8.21 -20.06 -17.03
N GLU A 41 -8.08 -20.22 -15.70
CA GLU A 41 -7.23 -19.37 -14.86
C GLU A 41 -5.78 -19.62 -15.26
N VAL A 42 -4.96 -18.56 -15.33
CA VAL A 42 -3.55 -18.76 -15.68
C VAL A 42 -2.77 -18.91 -14.38
N LYS A 43 -1.89 -19.90 -14.32
CA LYS A 43 -1.03 -20.18 -13.17
C LYS A 43 0.36 -20.48 -13.72
N PHE A 44 1.40 -19.92 -13.09
CA PHE A 44 2.78 -20.11 -13.56
C PHE A 44 3.49 -21.13 -12.70
N GLY A 45 4.35 -21.93 -13.30
CA GLY A 45 5.18 -22.90 -12.59
C GLY A 45 5.44 -24.17 -13.37
N GLY A 46 6.20 -25.09 -12.76
CA GLY A 46 6.50 -26.40 -13.35
C GLY A 46 5.23 -27.13 -13.70
N GLY A 47 5.07 -27.41 -15.00
CA GLY A 47 3.90 -28.10 -15.54
C GLY A 47 2.60 -27.34 -15.45
N LYS A 48 2.64 -26.00 -15.31
CA LYS A 48 1.40 -25.22 -15.19
C LYS A 48 0.91 -24.62 -16.49
N VAL A 49 0.06 -23.58 -16.42
CA VAL A 49 -0.59 -22.99 -17.59
C VAL A 49 0.27 -22.10 -18.49
N ILE A 50 1.03 -21.14 -17.91
CA ILE A 50 1.78 -20.16 -18.70
C ILE A 50 3.03 -20.78 -19.34
N ARG A 51 2.81 -21.48 -20.48
CA ARG A 51 3.85 -22.20 -21.23
C ARG A 51 3.57 -22.07 -22.72
N ASP A 52 4.61 -22.15 -23.54
CA ASP A 52 4.53 -21.99 -25.00
C ASP A 52 3.40 -22.82 -25.63
N GLY A 53 2.52 -22.13 -26.34
CA GLY A 53 1.39 -22.72 -27.06
C GLY A 53 0.16 -22.98 -26.20
N MET A 54 0.32 -22.87 -24.87
CA MET A 54 -0.72 -23.10 -23.87
C MET A 54 -1.22 -21.74 -23.41
N GLY A 55 -1.01 -21.34 -22.15
CA GLY A 55 -1.40 -20.01 -21.69
C GLY A 55 -0.52 -18.87 -22.19
N GLN A 56 0.57 -19.19 -22.92
CA GLN A 56 1.49 -18.20 -23.49
C GLN A 56 1.41 -18.36 -25.01
N GLY A 57 1.22 -17.23 -25.71
CA GLY A 57 1.06 -17.18 -27.16
C GLY A 57 2.31 -16.89 -27.97
N GLN A 58 2.11 -16.66 -29.29
CA GLN A 58 3.15 -16.47 -30.30
C GLN A 58 3.32 -15.03 -30.72
N MET A 59 2.64 -14.10 -30.05
CA MET A 59 2.67 -12.71 -30.46
C MET A 59 4.00 -11.98 -30.21
N LEU A 60 4.27 -10.92 -31.01
CA LEU A 60 5.47 -10.10 -30.85
C LEU A 60 5.23 -9.23 -29.61
N ALA A 61 6.30 -8.57 -29.11
CA ALA A 61 6.23 -7.75 -27.90
C ALA A 61 5.15 -6.66 -27.96
N ALA A 62 4.97 -6.04 -29.14
CA ALA A 62 3.96 -4.98 -29.35
C ALA A 62 2.52 -5.46 -29.10
N ASP A 63 2.25 -6.77 -29.27
CA ASP A 63 0.92 -7.38 -29.11
C ASP A 63 0.68 -8.13 -27.80
N CYS A 64 1.58 -7.97 -26.82
CA CYS A 64 1.36 -8.57 -25.50
C CYS A 64 1.87 -7.63 -24.43
N VAL A 65 1.48 -7.92 -23.19
CA VAL A 65 1.87 -7.11 -22.03
C VAL A 65 3.28 -7.48 -21.57
N ASP A 66 3.95 -6.53 -20.91
CA ASP A 66 5.27 -6.72 -20.32
C ASP A 66 5.15 -7.52 -19.03
N LEU A 67 4.05 -7.33 -18.31
CA LEU A 67 3.89 -7.99 -17.02
C LEU A 67 2.45 -8.33 -16.78
N VAL A 68 2.21 -9.49 -16.19
CA VAL A 68 0.87 -9.86 -15.79
C VAL A 68 0.92 -10.21 -14.30
N LEU A 69 -0.08 -9.73 -13.54
CA LEU A 69 -0.27 -10.09 -12.15
C LEU A 69 -1.48 -11.04 -12.22
N THR A 70 -1.24 -12.33 -11.99
CA THR A 70 -2.29 -13.35 -12.17
C THR A 70 -3.18 -13.51 -10.93
N ASN A 71 -4.52 -13.64 -11.10
CA ASN A 71 -5.48 -13.97 -10.02
C ASN A 71 -5.45 -12.99 -8.85
N ALA A 72 -5.35 -11.71 -9.17
CA ALA A 72 -5.28 -10.68 -8.16
C ALA A 72 -6.63 -10.38 -7.56
N LEU A 73 -6.68 -10.07 -6.26
CA LEU A 73 -7.90 -9.58 -5.63
C LEU A 73 -7.69 -8.07 -5.53
N ILE A 74 -8.31 -7.32 -6.42
CA ILE A 74 -8.17 -5.86 -6.43
C ILE A 74 -9.06 -5.20 -5.42
N VAL A 75 -8.49 -4.26 -4.62
CA VAL A 75 -9.26 -3.44 -3.69
C VAL A 75 -9.00 -1.99 -4.14
N ASP A 76 -10.02 -1.32 -4.71
CA ASP A 76 -9.85 0.05 -5.17
C ASP A 76 -11.16 0.79 -4.93
N HIS A 77 -11.20 2.13 -5.13
CA HIS A 77 -12.42 2.92 -4.88
C HIS A 77 -13.64 2.43 -5.70
N TRP A 78 -13.41 1.86 -6.90
CA TRP A 78 -14.49 1.44 -7.81
C TRP A 78 -15.00 -0.01 -7.65
N GLY A 79 -14.31 -0.82 -6.85
CA GLY A 79 -14.72 -2.22 -6.71
C GLY A 79 -13.70 -3.09 -6.02
N ILE A 80 -14.16 -4.26 -5.57
CA ILE A 80 -13.38 -5.29 -4.91
C ILE A 80 -13.64 -6.49 -5.83
N VAL A 81 -12.73 -6.68 -6.80
CA VAL A 81 -12.88 -7.67 -7.87
C VAL A 81 -11.66 -8.56 -8.04
N LYS A 82 -11.93 -9.80 -8.47
CA LYS A 82 -10.91 -10.80 -8.78
C LYS A 82 -10.62 -10.65 -10.27
N ALA A 83 -9.35 -10.45 -10.63
CA ALA A 83 -8.97 -10.27 -12.04
C ALA A 83 -7.47 -10.41 -12.24
N ASP A 84 -7.06 -10.57 -13.51
CA ASP A 84 -5.66 -10.53 -13.90
C ASP A 84 -5.41 -9.06 -14.24
N ILE A 85 -4.19 -8.57 -13.99
CA ILE A 85 -3.83 -7.18 -14.32
C ILE A 85 -2.68 -7.22 -15.31
N GLY A 86 -2.83 -6.49 -16.42
CA GLY A 86 -1.79 -6.41 -17.43
C GLY A 86 -1.13 -5.06 -17.38
N VAL A 87 0.20 -5.02 -17.50
CA VAL A 87 1.02 -3.79 -17.47
C VAL A 87 1.85 -3.74 -18.74
N LYS A 88 1.86 -2.59 -19.43
CA LYS A 88 2.66 -2.48 -20.67
C LYS A 88 3.23 -1.09 -20.75
N ASP A 89 4.53 -0.95 -21.06
CA ASP A 89 5.23 0.35 -21.12
C ASP A 89 5.14 1.14 -19.79
N GLY A 90 5.16 0.40 -18.67
CA GLY A 90 5.11 0.99 -17.34
C GLY A 90 3.75 1.50 -16.87
N ARG A 91 2.69 1.27 -17.65
CA ARG A 91 1.34 1.72 -17.34
C ARG A 91 0.35 0.59 -17.28
N ILE A 92 -0.79 0.80 -16.61
CA ILE A 92 -1.82 -0.22 -16.51
C ILE A 92 -2.49 -0.37 -17.88
N PHE A 93 -2.43 -1.57 -18.46
CA PHE A 93 -2.95 -1.83 -19.80
C PHE A 93 -4.40 -2.29 -19.77
N ALA A 94 -4.75 -3.20 -18.86
CA ALA A 94 -6.08 -3.78 -18.78
C ALA A 94 -6.25 -4.49 -17.47
N ILE A 95 -7.51 -4.60 -17.04
CA ILE A 95 -7.95 -5.36 -15.88
C ILE A 95 -8.92 -6.35 -16.52
N GLY A 96 -8.62 -7.64 -16.45
CA GLY A 96 -9.47 -8.62 -17.10
C GLY A 96 -8.99 -10.03 -17.01
N LYS A 97 -8.96 -10.72 -18.18
CA LYS A 97 -8.61 -12.13 -18.25
C LYS A 97 -7.36 -12.34 -19.11
N ALA A 98 -6.29 -12.89 -18.51
CA ALA A 98 -5.05 -13.09 -19.26
C ALA A 98 -4.93 -14.47 -19.85
N GLY A 99 -4.06 -14.57 -20.85
CA GLY A 99 -3.79 -15.86 -21.48
C GLY A 99 -3.45 -15.77 -22.94
N ASN A 100 -3.73 -16.85 -23.64
CA ASN A 100 -3.43 -17.01 -25.04
C ASN A 100 -4.73 -17.07 -25.87
N PRO A 101 -4.97 -16.06 -26.72
CA PRO A 101 -6.20 -16.11 -27.56
C PRO A 101 -6.27 -17.30 -28.51
N ASP A 102 -5.12 -17.96 -28.80
CA ASP A 102 -5.10 -19.13 -29.70
C ASP A 102 -5.89 -20.33 -29.19
N ILE A 103 -5.92 -20.53 -27.86
CA ILE A 103 -6.56 -21.72 -27.29
C ILE A 103 -7.54 -21.43 -26.17
N GLN A 104 -7.57 -20.18 -25.69
CA GLN A 104 -8.38 -19.82 -24.53
C GLN A 104 -9.45 -18.82 -24.89
N PRO A 105 -10.63 -18.88 -24.24
CA PRO A 105 -11.67 -17.89 -24.55
C PRO A 105 -11.57 -16.63 -23.71
N ASN A 106 -12.20 -15.53 -24.20
CA ASN A 106 -12.36 -14.25 -23.50
C ASN A 106 -11.05 -13.61 -22.99
N VAL A 107 -9.94 -13.84 -23.70
CA VAL A 107 -8.64 -13.27 -23.33
C VAL A 107 -8.58 -11.77 -23.67
N THR A 108 -8.37 -10.90 -22.66
CA THR A 108 -8.24 -9.45 -22.95
C THR A 108 -6.81 -8.97 -22.64
N ILE A 109 -6.00 -9.84 -21.98
CA ILE A 109 -4.63 -9.53 -21.62
C ILE A 109 -3.75 -10.62 -22.25
N PRO A 110 -3.18 -10.36 -23.42
CA PRO A 110 -2.37 -11.41 -24.05
C PRO A 110 -0.99 -11.58 -23.42
N ILE A 111 -0.59 -12.85 -23.24
CA ILE A 111 0.70 -13.29 -22.67
C ILE A 111 1.56 -13.88 -23.79
N GLY A 112 2.78 -13.37 -23.94
CA GLY A 112 3.72 -13.87 -24.94
C GLY A 112 5.10 -14.08 -24.37
N ALA A 113 6.10 -14.28 -25.25
CA ALA A 113 7.51 -14.45 -24.87
C ALA A 113 8.04 -13.25 -24.09
N ALA A 114 7.57 -12.03 -24.45
CA ALA A 114 7.97 -10.79 -23.80
C ALA A 114 7.28 -10.50 -22.43
N THR A 115 6.50 -11.45 -21.89
CA THR A 115 5.75 -11.26 -20.65
C THR A 115 6.40 -11.86 -19.39
N GLU A 116 6.53 -11.02 -18.34
CA GLU A 116 6.98 -11.44 -17.01
C GLU A 116 5.69 -11.76 -16.18
N VAL A 117 5.79 -12.64 -15.17
CA VAL A 117 4.61 -13.00 -14.38
C VAL A 117 4.87 -12.76 -12.91
N ILE A 118 3.90 -12.14 -12.24
CA ILE A 118 3.85 -12.01 -10.80
C ILE A 118 2.62 -12.85 -10.39
N ALA A 119 2.82 -13.86 -9.54
CA ALA A 119 1.71 -14.74 -9.13
C ALA A 119 0.95 -14.04 -8.00
N ALA A 120 -0.25 -13.49 -8.26
CA ALA A 120 -1.00 -12.77 -7.20
C ALA A 120 -2.12 -13.60 -6.54
N GLU A 121 -2.27 -14.90 -6.86
CA GLU A 121 -3.33 -15.72 -6.23
C GLU A 121 -3.20 -15.73 -4.72
N GLY A 122 -4.29 -15.37 -4.04
CA GLY A 122 -4.32 -15.30 -2.59
C GLY A 122 -3.79 -13.97 -2.06
N LYS A 123 -3.49 -12.99 -2.95
CA LYS A 123 -3.01 -11.67 -2.54
C LYS A 123 -3.99 -10.60 -2.91
N ILE A 124 -3.88 -9.45 -2.21
CA ILE A 124 -4.70 -8.26 -2.46
C ILE A 124 -3.77 -7.28 -3.16
N VAL A 125 -4.26 -6.65 -4.21
CA VAL A 125 -3.49 -5.65 -4.95
C VAL A 125 -4.20 -4.31 -4.81
N THR A 126 -3.46 -3.27 -4.44
CA THR A 126 -4.02 -1.91 -4.38
C THR A 126 -3.12 -0.97 -5.16
N ALA A 127 -3.61 0.24 -5.40
CA ALA A 127 -2.79 1.31 -5.97
C ALA A 127 -1.75 1.74 -4.89
N GLY A 128 -0.66 2.37 -5.32
CA GLY A 128 0.30 2.92 -4.38
C GLY A 128 -0.30 4.14 -3.71
N GLY A 129 -0.02 4.32 -2.42
CA GLY A 129 -0.51 5.45 -1.63
C GLY A 129 0.15 6.77 -2.03
N ILE A 130 -0.52 7.88 -1.70
CA ILE A 130 -0.09 9.23 -2.03
C ILE A 130 -0.14 10.09 -0.76
N ASP A 131 1.03 10.52 -0.30
CA ASP A 131 1.10 11.33 0.91
C ASP A 131 1.40 12.75 0.45
N THR A 132 0.52 13.70 0.81
CA THR A 132 0.60 15.10 0.38
C THR A 132 1.05 16.05 1.47
N HIS A 133 1.49 15.50 2.62
CA HIS A 133 1.98 16.31 3.71
C HIS A 133 3.40 15.89 4.15
N ILE A 134 4.34 15.94 3.22
CA ILE A 134 5.70 15.53 3.53
C ILE A 134 6.56 16.75 3.88
N HIS A 135 7.30 16.65 5.00
CA HIS A 135 8.34 17.64 5.34
C HIS A 135 9.63 16.96 4.89
N TRP A 136 10.34 17.50 3.87
CA TRP A 136 11.58 16.84 3.43
C TRP A 136 12.72 17.12 4.41
N ILE A 137 12.63 16.49 5.59
CA ILE A 137 13.61 16.61 6.69
C ILE A 137 14.84 15.76 6.41
N CYS A 138 14.64 14.61 5.77
CA CYS A 138 15.75 13.71 5.42
C CYS A 138 15.35 12.81 4.24
N PRO A 139 16.31 12.37 3.41
CA PRO A 139 15.94 11.51 2.26
C PRO A 139 15.49 10.10 2.65
N GLN A 140 15.88 9.64 3.86
CA GLN A 140 15.52 8.29 4.37
C GLN A 140 14.00 8.13 4.51
N GLN A 141 13.25 9.23 4.59
CA GLN A 141 11.77 9.18 4.64
C GLN A 141 11.21 8.50 3.36
N ALA A 142 11.89 8.61 2.20
CA ALA A 142 11.38 8.01 0.95
C ALA A 142 11.30 6.47 1.01
N GLU A 143 12.32 5.83 1.54
CA GLU A 143 12.33 4.37 1.67
C GLU A 143 11.32 3.91 2.71
N GLU A 144 11.19 4.65 3.82
CA GLU A 144 10.26 4.30 4.89
C GLU A 144 8.84 4.34 4.34
N ALA A 145 8.51 5.41 3.60
CA ALA A 145 7.17 5.55 3.00
C ALA A 145 6.92 4.46 1.94
N LEU A 146 7.94 4.17 1.09
CA LEU A 146 7.82 3.18 0.02
C LEU A 146 7.53 1.79 0.59
N VAL A 147 8.31 1.39 1.61
CA VAL A 147 8.11 0.13 2.35
C VAL A 147 6.66 0.04 2.90
N SER A 148 6.07 1.15 3.37
CA SER A 148 4.70 1.14 3.92
C SER A 148 3.62 1.02 2.84
N GLY A 149 4.00 1.23 1.56
CA GLY A 149 3.04 1.18 0.45
C GLY A 149 2.70 2.51 -0.17
N VAL A 150 3.48 3.56 0.13
CA VAL A 150 3.28 4.92 -0.43
C VAL A 150 4.28 5.10 -1.58
N THR A 151 3.79 5.42 -2.79
CA THR A 151 4.63 5.55 -3.99
C THR A 151 4.78 6.98 -4.49
N THR A 152 4.00 7.91 -3.95
CA THR A 152 4.08 9.31 -4.36
C THR A 152 4.16 10.14 -3.10
N MET A 153 5.05 11.13 -3.09
CA MET A 153 5.18 11.98 -1.92
C MET A 153 5.22 13.41 -2.37
N VAL A 154 4.30 14.22 -1.82
CA VAL A 154 4.19 15.65 -2.13
C VAL A 154 4.48 16.39 -0.86
N GLY A 155 5.42 17.30 -0.93
CA GLY A 155 5.77 18.07 0.26
C GLY A 155 6.79 19.15 -0.04
N GLY A 156 7.40 19.68 1.02
CA GLY A 156 8.42 20.72 0.82
C GLY A 156 9.52 20.63 1.86
N GLY A 157 10.68 21.18 1.55
CA GLY A 157 11.76 21.20 2.53
C GLY A 157 13.12 21.21 1.88
N THR A 158 14.18 21.38 2.71
CA THR A 158 15.55 21.44 2.18
C THR A 158 16.48 20.51 2.97
N GLY A 159 15.92 19.79 3.95
CA GLY A 159 16.70 18.97 4.85
C GLY A 159 16.40 19.35 6.29
N PRO A 160 17.24 18.95 7.25
CA PRO A 160 16.93 19.24 8.66
C PRO A 160 17.27 20.69 9.09
N ALA A 161 16.54 21.65 8.52
CA ALA A 161 16.69 23.07 8.82
C ALA A 161 15.42 23.49 9.54
N ALA A 162 15.50 24.51 10.42
CA ALA A 162 14.37 25.02 11.20
C ALA A 162 13.11 25.28 10.35
N GLY A 163 13.26 25.92 9.19
CA GLY A 163 12.11 26.17 8.31
C GLY A 163 11.37 24.91 7.89
N THR A 164 12.13 23.85 7.53
CA THR A 164 11.58 22.57 7.08
C THR A 164 11.07 21.72 8.25
N HIS A 165 11.74 21.81 9.43
CA HIS A 165 11.28 21.07 10.62
C HIS A 165 9.84 21.48 10.91
N ALA A 166 9.53 22.76 10.64
CA ALA A 166 8.20 23.29 10.95
C ALA A 166 7.19 23.31 9.80
N THR A 167 7.65 23.49 8.55
CA THR A 167 6.76 23.73 7.41
C THR A 167 7.11 22.89 6.17
N THR A 168 6.11 22.62 5.31
CA THR A 168 6.36 21.88 4.06
C THR A 168 6.69 22.92 2.99
N CYS A 169 7.78 23.69 3.15
CA CYS A 169 8.13 24.71 2.17
C CYS A 169 9.54 24.50 1.63
N THR A 170 9.70 24.56 0.30
CA THR A 170 11.02 24.51 -0.33
C THR A 170 11.20 25.96 -0.78
N PRO A 171 11.89 26.81 -0.03
CA PRO A 171 11.91 28.23 -0.39
C PRO A 171 12.83 28.65 -1.52
N GLY A 172 12.25 29.28 -2.52
CA GLY A 172 13.03 29.91 -3.58
C GLY A 172 13.61 29.05 -4.67
N PRO A 173 13.87 29.71 -5.81
CA PRO A 173 14.39 29.00 -6.99
C PRO A 173 15.64 28.15 -6.78
N TRP A 174 16.61 28.60 -5.97
CA TRP A 174 17.84 27.83 -5.78
C TRP A 174 17.56 26.51 -5.07
N TYR A 175 16.85 26.55 -3.92
CA TYR A 175 16.46 25.33 -3.19
C TYR A 175 15.51 24.48 -3.97
N ILE A 176 14.54 25.08 -4.68
CA ILE A 176 13.65 24.28 -5.53
C ILE A 176 14.47 23.48 -6.59
N SER A 177 15.41 24.13 -7.27
CA SER A 177 16.24 23.49 -8.31
C SER A 177 17.06 22.35 -7.71
N ARG A 178 17.69 22.59 -6.54
CA ARG A 178 18.51 21.57 -5.85
C ARG A 178 17.69 20.38 -5.40
N MET A 179 16.46 20.63 -4.91
CA MET A 179 15.60 19.53 -4.46
C MET A 179 15.05 18.74 -5.63
N LEU A 180 14.78 19.38 -6.79
CA LEU A 180 14.33 18.68 -7.99
C LEU A 180 15.47 17.77 -8.47
N GLN A 181 16.71 18.25 -8.38
CA GLN A 181 17.89 17.44 -8.80
C GLN A 181 18.03 16.23 -7.87
N ALA A 182 17.92 16.48 -6.53
CA ALA A 182 17.98 15.42 -5.51
C ALA A 182 16.87 14.37 -5.70
N ALA A 183 15.67 14.79 -6.16
CA ALA A 183 14.51 13.90 -6.32
C ALA A 183 14.77 12.73 -7.27
N ASP A 184 15.65 12.91 -8.29
CA ASP A 184 16.02 11.84 -9.23
C ASP A 184 16.60 10.61 -8.53
N SER A 185 17.18 10.81 -7.34
CA SER A 185 17.80 9.73 -6.56
C SER A 185 16.78 8.96 -5.73
N LEU A 186 15.55 9.46 -5.60
CA LEU A 186 14.60 8.81 -4.70
C LEU A 186 13.62 7.90 -5.44
N PRO A 187 13.27 6.71 -4.88
CA PRO A 187 12.41 5.77 -5.63
C PRO A 187 10.90 6.01 -5.55
N VAL A 188 10.47 7.23 -5.24
CA VAL A 188 9.04 7.59 -5.20
C VAL A 188 8.78 8.72 -6.21
N ASN A 189 7.52 8.92 -6.64
CA ASN A 189 7.19 10.08 -7.47
C ASN A 189 7.20 11.27 -6.52
N ILE A 190 7.68 12.43 -7.00
CA ILE A 190 7.74 13.61 -6.14
C ILE A 190 7.21 14.86 -6.84
N GLY A 191 6.56 15.71 -6.04
CA GLY A 191 6.15 17.07 -6.39
C GLY A 191 6.51 17.96 -5.22
N LEU A 192 7.00 19.17 -5.46
CA LEU A 192 7.40 20.06 -4.35
C LEU A 192 6.46 21.20 -4.06
N LEU A 193 6.43 21.67 -2.79
CA LEU A 193 5.61 22.83 -2.42
C LEU A 193 6.57 23.99 -2.11
N GLY A 194 6.28 25.19 -2.62
CA GLY A 194 7.07 26.40 -2.38
C GLY A 194 6.58 27.13 -1.14
N LYS A 195 7.23 28.23 -0.75
CA LYS A 195 6.79 29.04 0.39
C LYS A 195 5.73 30.04 -0.11
N GLY A 196 4.49 29.82 0.27
CA GLY A 196 3.38 30.66 -0.18
C GLY A 196 3.14 31.93 0.61
N ASN A 197 3.84 32.11 1.74
CA ASN A 197 3.62 33.26 2.63
C ASN A 197 4.33 34.54 2.20
N VAL A 198 3.70 35.31 1.30
CA VAL A 198 4.24 36.59 0.84
C VAL A 198 3.06 37.44 0.29
N SER A 199 3.17 38.76 0.38
CA SER A 199 2.10 39.64 -0.09
C SER A 199 2.39 40.31 -1.46
N GLN A 200 3.45 39.88 -2.16
CA GLN A 200 3.91 40.31 -3.49
C GLN A 200 3.80 39.09 -4.43
N PRO A 201 2.89 39.12 -5.45
CA PRO A 201 2.71 37.94 -6.31
C PRO A 201 3.92 37.47 -7.09
N ASP A 202 4.81 38.39 -7.49
CA ASP A 202 5.99 37.99 -8.27
C ASP A 202 6.96 37.05 -7.54
N ALA A 203 7.06 37.15 -6.21
CA ALA A 203 7.91 36.28 -5.38
C ALA A 203 7.35 34.84 -5.39
N LEU A 204 6.05 34.68 -5.65
CA LEU A 204 5.35 33.40 -5.76
C LEU A 204 5.44 32.85 -7.18
N ARG A 205 5.17 33.69 -8.22
CA ARG A 205 5.26 33.26 -9.62
C ARG A 205 6.65 32.69 -9.93
N GLU A 206 7.70 33.31 -9.37
CA GLU A 206 9.09 32.91 -9.49
C GLU A 206 9.31 31.45 -9.02
N GLN A 207 8.68 31.08 -7.89
CA GLN A 207 8.80 29.74 -7.31
C GLN A 207 8.05 28.75 -8.15
N VAL A 208 6.87 29.13 -8.67
CA VAL A 208 6.09 28.26 -9.54
C VAL A 208 6.83 27.98 -10.85
N ALA A 209 7.43 29.03 -11.44
CA ALA A 209 8.18 28.94 -12.69
C ALA A 209 9.45 28.09 -12.51
N ALA A 210 9.98 28.03 -11.27
CA ALA A 210 11.15 27.22 -10.92
C ALA A 210 10.79 25.73 -10.79
N GLY A 211 9.51 25.39 -10.56
CA GLY A 211 9.14 23.97 -10.50
C GLY A 211 8.18 23.47 -9.45
N VAL A 212 7.76 24.30 -8.50
CA VAL A 212 6.82 23.80 -7.50
C VAL A 212 5.42 23.57 -8.07
N ILE A 213 4.71 22.57 -7.53
CA ILE A 213 3.36 22.23 -7.99
C ILE A 213 2.31 22.76 -7.04
N GLY A 214 2.76 23.49 -6.05
CA GLY A 214 1.87 24.06 -5.06
C GLY A 214 2.58 25.00 -4.12
N LEU A 215 1.81 25.69 -3.25
CA LEU A 215 2.38 26.63 -2.30
C LEU A 215 1.80 26.33 -0.97
N KCX A 216 2.65 26.24 0.04
CA KCX A 216 2.15 26.01 1.39
CB KCX A 216 3.19 25.12 2.11
CG KCX A 216 2.93 25.14 3.66
CD KCX A 216 1.76 24.25 3.85
CE KCX A 216 1.51 24.05 5.37
NZ KCX A 216 2.57 23.15 5.88
C KCX A 216 2.09 27.36 2.12
O KCX A 216 3.07 28.09 2.13
CX KCX A 216 2.42 22.52 7.10
OQ1 KCX A 216 3.34 21.76 7.63
OQ2 KCX A 216 1.44 22.67 7.80
N ILE A 217 0.93 27.66 2.74
CA ILE A 217 0.75 28.85 3.57
C ILE A 217 0.87 28.28 4.96
N HIS A 218 1.87 28.74 5.71
CA HIS A 218 2.05 28.22 7.05
C HIS A 218 2.07 29.37 8.03
N GLU A 219 1.40 29.21 9.19
CA GLU A 219 1.39 30.25 10.22
C GLU A 219 2.80 30.63 10.73
N ASP A 220 3.80 29.72 10.68
CA ASP A 220 5.17 30.03 11.12
C ASP A 220 5.85 31.06 10.21
N TRP A 221 5.36 31.21 8.97
CA TRP A 221 5.81 32.22 8.03
C TRP A 221 4.76 33.39 7.93
N GLY A 222 3.71 33.36 8.78
CA GLY A 222 2.64 34.37 8.82
C GLY A 222 1.46 34.05 7.92
N ALA A 223 0.42 33.39 8.45
CA ALA A 223 -0.78 33.00 7.67
C ALA A 223 -1.87 34.06 7.82
N THR A 224 -1.58 35.25 7.29
CA THR A 224 -2.43 36.45 7.34
C THR A 224 -3.38 36.50 6.14
N PRO A 225 -4.54 37.23 6.22
CA PRO A 225 -5.43 37.35 5.07
C PRO A 225 -4.76 37.86 3.79
N ALA A 226 -3.80 38.78 3.89
CA ALA A 226 -3.12 39.31 2.68
C ALA A 226 -2.23 38.24 1.98
N ALA A 227 -1.49 37.42 2.75
CA ALA A 227 -0.63 36.35 2.22
C ALA A 227 -1.50 35.26 1.55
N ILE A 228 -2.60 34.86 2.22
CA ILE A 228 -3.58 33.88 1.73
C ILE A 228 -4.18 34.36 0.40
N ASP A 229 -4.69 35.62 0.37
CA ASP A 229 -5.28 36.19 -0.83
C ASP A 229 -4.28 36.15 -2.00
N CYS A 230 -3.04 36.58 -1.76
CA CYS A 230 -1.95 36.61 -2.74
C CYS A 230 -1.62 35.22 -3.31
N ALA A 231 -1.47 34.22 -2.43
CA ALA A 231 -1.18 32.84 -2.84
C ALA A 231 -2.30 32.26 -3.72
N LEU A 232 -3.57 32.46 -3.34
CA LEU A 232 -4.71 31.97 -4.13
C LEU A 232 -4.85 32.65 -5.50
N THR A 233 -4.52 33.96 -5.58
CA THR A 233 -4.55 34.69 -6.86
C THR A 233 -3.56 34.04 -7.82
N VAL A 234 -2.32 33.79 -7.35
CA VAL A 234 -1.28 33.15 -8.17
C VAL A 234 -1.68 31.71 -8.53
N ALA A 235 -2.27 31.00 -7.57
CA ALA A 235 -2.70 29.60 -7.78
C ALA A 235 -3.73 29.55 -8.92
N ASP A 236 -4.72 30.47 -8.91
CA ASP A 236 -5.74 30.61 -9.97
C ASP A 236 -5.12 30.93 -11.33
N GLU A 237 -4.03 31.73 -11.38
CA GLU A 237 -3.34 32.03 -12.64
C GLU A 237 -2.54 30.85 -13.16
N MET A 238 -1.87 30.12 -12.24
CA MET A 238 -0.90 29.09 -12.65
C MET A 238 -1.31 27.63 -12.56
N ASP A 239 -2.55 27.36 -12.15
CA ASP A 239 -3.12 26.01 -12.03
C ASP A 239 -2.27 25.10 -11.11
N ILE A 240 -2.07 25.57 -9.87
CA ILE A 240 -1.34 24.87 -8.83
C ILE A 240 -2.21 24.85 -7.59
N GLN A 241 -1.89 23.98 -6.64
CA GLN A 241 -2.70 23.87 -5.42
C GLN A 241 -2.11 24.65 -4.27
N VAL A 242 -2.98 25.11 -3.37
CA VAL A 242 -2.57 25.82 -2.16
C VAL A 242 -2.92 24.91 -0.99
N ALA A 243 -1.96 24.72 -0.08
CA ALA A 243 -2.15 23.95 1.15
C ALA A 243 -2.08 24.95 2.31
N LEU A 244 -3.02 24.84 3.26
CA LEU A 244 -3.10 25.80 4.36
C LEU A 244 -2.93 25.22 5.75
N HIS A 245 -2.08 25.86 6.56
CA HIS A 245 -1.92 25.65 8.00
C HIS A 245 -2.20 27.07 8.54
N SER A 246 -3.41 27.25 9.07
CA SER A 246 -3.95 28.55 9.48
C SER A 246 -3.44 29.13 10.79
N ASP A 247 -3.82 30.38 11.07
CA ASP A 247 -3.40 31.20 12.20
C ASP A 247 -4.02 30.71 13.51
N THR A 248 -3.32 29.77 14.19
CA THR A 248 -3.76 29.18 15.46
C THR A 248 -4.00 30.26 16.53
N LEU A 249 -3.12 31.27 16.56
CA LEU A 249 -3.13 32.38 17.53
C LEU A 249 -4.35 33.31 17.42
N ASN A 250 -5.12 33.22 16.31
CA ASN A 250 -6.23 34.14 15.99
C ASN A 250 -5.69 35.60 15.97
N GLU A 251 -4.40 35.75 15.65
CA GLU A 251 -3.67 37.02 15.63
C GLU A 251 -4.26 38.00 14.60
N SER A 252 -4.50 37.53 13.38
CA SER A 252 -4.97 38.35 12.26
C SER A 252 -6.49 38.32 12.08
N GLY A 253 -7.16 37.42 12.81
CA GLY A 253 -8.60 37.18 12.71
C GLY A 253 -8.97 35.81 13.25
N PHE A 254 -10.26 35.48 13.24
CA PHE A 254 -10.73 34.17 13.65
C PHE A 254 -10.90 33.34 12.38
N VAL A 255 -11.33 32.07 12.50
CA VAL A 255 -11.54 31.17 11.34
C VAL A 255 -12.44 31.79 10.23
N GLU A 256 -13.51 32.54 10.61
CA GLU A 256 -14.40 33.22 9.64
C GLU A 256 -13.66 34.27 8.80
N ASP A 257 -12.63 34.91 9.35
CA ASP A 257 -11.80 35.88 8.62
C ASP A 257 -10.90 35.16 7.61
N THR A 258 -10.30 34.00 8.01
CA THR A 258 -9.49 33.20 7.09
C THR A 258 -10.38 32.72 5.97
N LEU A 259 -11.58 32.21 6.32
CA LEU A 259 -12.53 31.73 5.31
C LEU A 259 -13.00 32.79 4.33
N ALA A 260 -13.17 34.06 4.80
CA ALA A 260 -13.52 35.22 3.97
C ALA A 260 -12.35 35.60 3.07
N ALA A 261 -11.10 35.55 3.59
CA ALA A 261 -9.90 35.84 2.76
C ALA A 261 -9.80 34.81 1.59
N ILE A 262 -10.18 33.53 1.86
CA ILE A 262 -10.17 32.46 0.87
C ILE A 262 -11.15 32.77 -0.27
N GLY A 263 -12.29 33.37 0.09
CA GLY A 263 -13.32 33.80 -0.86
C GLY A 263 -13.84 32.77 -1.83
N GLY A 264 -14.17 31.57 -1.34
CA GLY A 264 -14.69 30.49 -2.18
C GLY A 264 -13.70 29.86 -3.16
N ARG A 265 -12.39 30.22 -3.10
CA ARG A 265 -11.41 29.63 -4.01
C ARG A 265 -10.96 28.25 -3.47
N THR A 266 -10.54 27.35 -4.37
CA THR A 266 -10.12 25.99 -4.03
C THR A 266 -8.87 25.99 -3.15
N ILE A 267 -8.92 25.25 -2.05
CA ILE A 267 -7.77 25.16 -1.14
C ILE A 267 -7.76 23.79 -0.39
N HIS A 268 -6.57 23.30 -0.08
CA HIS A 268 -6.40 22.06 0.68
C HIS A 268 -6.04 22.47 2.11
N THR A 269 -6.93 22.15 3.09
CA THR A 269 -6.66 22.44 4.49
C THR A 269 -5.97 21.25 5.12
N PHE A 270 -4.71 21.43 5.55
CA PHE A 270 -3.89 20.40 6.20
C PHE A 270 -4.42 20.23 7.65
N HIS A 271 -4.24 19.04 8.26
CA HIS A 271 -4.63 18.73 9.64
C HIS A 271 -5.84 19.54 10.08
N THR A 272 -6.99 19.34 9.38
CA THR A 272 -8.24 20.07 9.57
C THR A 272 -8.79 20.00 11.00
N GLU A 273 -8.50 18.91 11.72
CA GLU A 273 -8.91 18.75 13.15
C GLU A 273 -8.25 19.87 14.02
N GLY A 274 -7.00 20.24 13.70
CA GLY A 274 -6.35 21.35 14.39
C GLY A 274 -5.15 21.12 15.28
N ALA A 275 -4.95 19.88 15.82
CA ALA A 275 -3.78 19.57 16.68
C ALA A 275 -2.47 19.93 15.93
N GLY A 276 -2.41 19.55 14.64
CA GLY A 276 -1.27 19.87 13.79
C GLY A 276 -1.11 21.35 13.47
N GLY A 277 -2.12 22.14 13.82
CA GLY A 277 -2.12 23.59 13.60
C GLY A 277 -3.38 24.13 12.98
N GLY A 278 -3.71 25.37 13.33
CA GLY A 278 -4.89 26.06 12.80
C GLY A 278 -5.70 26.77 13.86
N HIS A 279 -6.53 27.76 13.42
CA HIS A 279 -7.40 28.55 14.31
C HIS A 279 -7.93 27.74 15.47
N ALA A 280 -7.58 28.16 16.70
CA ALA A 280 -7.99 27.52 17.95
C ALA A 280 -9.30 28.16 18.43
N PRO A 281 -10.36 27.34 18.65
CA PRO A 281 -10.39 25.88 18.57
C PRO A 281 -11.21 25.33 17.40
N ASP A 282 -11.59 26.20 16.44
CA ASP A 282 -12.60 25.84 15.42
C ASP A 282 -12.20 25.71 13.95
N ILE A 283 -10.92 25.38 13.66
CA ILE A 283 -10.52 25.15 12.27
C ILE A 283 -11.34 23.99 11.62
N ILE A 284 -11.74 22.99 12.43
CA ILE A 284 -12.53 21.82 12.00
C ILE A 284 -13.81 22.16 11.21
N THR A 285 -14.40 23.36 11.45
CA THR A 285 -15.61 23.81 10.74
C THR A 285 -15.39 24.06 9.25
N ALA A 286 -14.12 24.12 8.79
CA ALA A 286 -13.88 24.33 7.37
C ALA A 286 -14.41 23.18 6.48
N CYS A 287 -14.59 21.96 7.05
CA CYS A 287 -15.07 20.79 6.27
C CYS A 287 -16.53 20.91 5.77
N ALA A 288 -17.21 22.00 6.17
CA ALA A 288 -18.59 22.32 5.77
C ALA A 288 -18.63 23.00 4.40
N HIS A 289 -17.48 23.56 3.95
CA HIS A 289 -17.42 24.38 2.76
C HIS A 289 -17.12 23.61 1.47
N PRO A 290 -17.74 24.03 0.35
CA PRO A 290 -17.57 23.26 -0.91
C PRO A 290 -16.21 23.39 -1.59
N ASN A 291 -15.49 24.50 -1.35
CA ASN A 291 -14.18 24.76 -1.97
C ASN A 291 -13.01 24.23 -1.13
N ILE A 292 -13.30 23.68 0.04
CA ILE A 292 -12.25 23.16 0.95
C ILE A 292 -12.06 21.65 0.77
N LEU A 293 -10.82 21.20 0.55
CA LEU A 293 -10.51 19.77 0.46
C LEU A 293 -9.80 19.45 1.77
N PRO A 294 -10.47 18.81 2.76
CA PRO A 294 -9.86 18.66 4.08
C PRO A 294 -9.11 17.37 4.34
N SER A 295 -7.87 17.49 4.86
CA SER A 295 -7.10 16.30 5.22
C SER A 295 -6.84 16.26 6.71
N SER A 296 -6.50 15.07 7.20
CA SER A 296 -6.02 14.82 8.55
C SER A 296 -4.56 14.42 8.44
N THR A 297 -3.78 14.74 9.46
CA THR A 297 -2.42 14.23 9.66
C THR A 297 -2.62 13.04 10.60
N ASN A 298 -1.69 12.10 10.65
CA ASN A 298 -1.94 10.84 11.34
C ASN A 298 -1.74 10.64 12.85
N PRO A 299 -1.07 11.49 13.69
CA PRO A 299 -0.90 11.10 15.10
C PRO A 299 -2.21 11.11 15.88
N THR A 300 -3.22 11.84 15.39
CA THR A 300 -4.53 11.90 16.07
C THR A 300 -5.43 10.77 15.60
N LEU A 301 -4.95 9.94 14.67
CA LEU A 301 -5.72 8.83 14.10
C LEU A 301 -5.26 7.43 14.54
N PRO A 302 -6.18 6.59 15.07
CA PRO A 302 -7.50 6.94 15.64
C PRO A 302 -7.28 7.51 17.05
N TYR A 303 -8.35 7.92 17.72
CA TYR A 303 -8.29 8.41 19.10
C TYR A 303 -8.00 7.22 20.04
N THR A 304 -6.90 7.29 20.82
CA THR A 304 -6.52 6.19 21.73
C THR A 304 -6.21 6.73 23.12
N LEU A 305 -6.05 5.83 24.08
CA LEU A 305 -5.76 6.17 25.48
C LEU A 305 -4.49 7.01 25.67
N ASN A 306 -3.47 6.83 24.81
CA ASN A 306 -2.20 7.55 24.93
C ASN A 306 -2.07 8.81 24.07
N THR A 307 -3.05 9.07 23.17
CA THR A 307 -3.03 10.22 22.25
C THR A 307 -2.71 11.57 22.91
N ILE A 308 -3.55 12.01 23.87
CA ILE A 308 -3.40 13.30 24.56
C ILE A 308 -2.04 13.47 25.23
N ASP A 309 -1.63 12.45 26.03
N ASP A 309 -1.55 12.44 25.93
CA ASP A 309 -0.38 12.38 26.80
CA ASP A 309 -0.26 12.51 26.64
C ASP A 309 0.81 12.65 25.91
C ASP A 309 0.99 12.76 25.80
N GLU A 310 0.89 11.94 24.76
N GLU A 310 1.06 12.20 24.56
CA GLU A 310 1.98 12.13 23.79
CA GLU A 310 2.25 12.37 23.71
C GLU A 310 1.83 13.44 23.02
C GLU A 310 2.38 13.74 22.99
N HIS A 311 0.60 14.01 22.93
N HIS A 311 1.24 14.42 22.72
CA HIS A 311 0.31 15.26 22.24
CA HIS A 311 1.16 15.64 21.91
C HIS A 311 0.46 16.52 23.08
C HIS A 311 1.94 16.91 22.28
N LEU A 312 0.28 16.40 24.41
N LEU A 312 1.91 17.32 23.56
CA LEU A 312 0.48 17.51 25.33
CA LEU A 312 2.53 18.54 24.10
C LEU A 312 1.98 17.71 25.54
C LEU A 312 3.99 18.75 23.66
N ASP A 313 2.75 16.59 25.55
N ASP A 313 4.91 17.83 24.06
CA ASP A 313 4.20 16.61 25.71
CA ASP A 313 6.33 17.92 23.70
C ASP A 313 4.97 16.71 24.38
C ASP A 313 6.59 17.77 22.18
N MET A 314 4.24 16.73 23.24
N MET A 314 5.77 16.97 21.50
CA MET A 314 4.82 16.89 21.91
CA MET A 314 5.84 16.76 20.05
C MET A 314 4.97 18.40 21.63
C MET A 314 5.63 18.11 19.32
N LEU A 315 3.89 19.17 21.91
N LEU A 315 4.60 18.88 19.75
CA LEU A 315 3.81 20.62 21.75
CA LEU A 315 4.25 20.20 19.20
C LEU A 315 4.79 21.36 22.66
C LEU A 315 5.36 21.23 19.43
N MET A 316 5.10 20.78 23.84
N MET A 316 5.95 21.27 20.65
CA MET A 316 6.03 21.31 24.85
CA MET A 316 7.02 22.20 21.07
C MET A 316 7.50 21.18 24.42
C MET A 316 8.26 22.08 20.18
N VAL A 317 7.79 20.34 23.41
N VAL A 317 8.79 20.83 20.01
CA VAL A 317 9.14 20.11 22.88
CA VAL A 317 9.99 20.53 19.23
C VAL A 317 9.35 20.89 21.57
C VAL A 317 9.80 20.91 17.74
N CYS A 318 8.34 20.85 20.65
N CYS A 318 8.61 20.57 17.19
CA CYS A 318 8.34 21.52 19.35
CA CYS A 318 8.26 20.84 15.80
C CYS A 318 8.38 23.05 19.46
C CYS A 318 8.30 22.33 15.42
N HIS A 319 7.54 23.61 20.36
N HIS A 319 7.53 23.16 16.17
CA HIS A 319 7.42 25.06 20.57
CA HIS A 319 7.39 24.59 15.91
C HIS A 319 8.12 25.56 21.85
C HIS A 319 8.36 25.53 16.65
N HIS A 320 8.75 24.63 22.64
N HIS A 320 9.45 24.95 17.20
CA HIS A 320 9.46 24.89 23.89
CA HIS A 320 10.55 25.65 17.89
C HIS A 320 8.60 25.77 24.83
C HIS A 320 9.99 26.58 19.00
N LEU A 321 7.50 25.20 25.32
N LEU A 321 9.10 26.02 19.85
CA LEU A 321 6.52 25.92 26.14
CA LEU A 321 8.48 26.74 20.96
C LEU A 321 6.78 25.89 27.64
C LEU A 321 9.32 26.57 22.22
N ASP A 322 7.19 24.72 28.20
N ASP A 322 9.34 27.60 23.07
CA ASP A 322 7.45 24.46 29.63
CA ASP A 322 10.11 27.62 24.32
C ASP A 322 6.16 24.49 30.49
C ASP A 322 9.20 27.28 25.52
N PRO A 323 5.88 23.42 31.29
N PRO A 323 9.45 26.12 26.21
CA PRO A 323 4.63 23.41 32.09
CA PRO A 323 8.61 25.76 27.37
C PRO A 323 4.53 24.42 33.24
C PRO A 323 8.73 26.72 28.55
N ASP A 324 5.64 25.11 33.58
N ASP A 324 9.85 27.50 28.60
CA ASP A 324 5.68 26.09 34.66
CA ASP A 324 10.09 28.51 29.62
C ASP A 324 4.93 27.40 34.35
C ASP A 324 9.36 29.84 29.31
N ILE A 325 4.90 27.81 33.06
N ILE A 325 8.60 29.89 28.20
CA ILE A 325 4.21 29.03 32.63
CA ILE A 325 7.78 31.05 27.84
C ILE A 325 2.73 28.72 32.34
C ILE A 325 6.31 30.63 27.98
N ALA A 326 1.81 29.41 33.04
N ALA A 326 5.59 31.27 28.95
CA ALA A 326 0.35 29.25 32.93
CA ALA A 326 4.18 31.02 29.26
C ALA A 326 -0.20 29.62 31.55
C ALA A 326 3.24 31.06 28.03
N GLU A 327 0.36 30.67 30.90
N GLU A 327 3.43 32.07 27.16
CA GLU A 327 -0.06 31.13 29.58
CA GLU A 327 2.62 32.26 25.94
C GLU A 327 0.35 30.15 28.47
C GLU A 327 2.80 31.11 24.94
N ASP A 328 1.37 29.31 28.72
N ASP A 328 4.04 30.57 24.86
CA ASP A 328 1.86 28.29 27.79
CA ASP A 328 4.37 29.44 24.00
C ASP A 328 1.03 27.01 27.94
C ASP A 328 3.66 28.15 24.47
N VAL A 329 0.49 26.75 29.15
N VAL A 329 3.66 27.89 25.80
CA VAL A 329 -0.39 25.61 29.44
CA VAL A 329 2.98 26.71 26.37
C VAL A 329 -1.78 25.94 28.85
C VAL A 329 1.45 26.85 26.19
N ALA A 330 -2.18 27.23 28.91
N ALA A 330 0.92 28.10 26.37
CA ALA A 330 -3.44 27.74 28.34
CA ALA A 330 -0.50 28.45 26.24
C ALA A 330 -3.40 27.63 26.81
C ALA A 330 -1.07 28.13 24.84
N PHE A 331 -2.18 27.71 26.23
N PHE A 331 -0.31 28.41 23.77
CA PHE A 331 -1.86 27.56 24.81
CA PHE A 331 -0.82 28.06 22.44
C PHE A 331 -1.87 26.05 24.48
C PHE A 331 -0.63 26.60 22.04
N ALA A 332 -1.39 25.21 25.41
N ALA A 332 0.28 25.89 22.76
CA ALA A 332 -1.34 23.75 25.27
CA ALA A 332 0.48 24.45 22.56
C ALA A 332 -2.77 23.16 25.25
C ALA A 332 -0.72 23.71 23.15
N GLU A 333 -3.68 23.71 26.09
N GLU A 333 -1.16 24.07 24.39
CA GLU A 333 -5.08 23.30 26.14
CA GLU A 333 -2.33 23.46 25.06
C GLU A 333 -5.90 23.93 24.98
C GLU A 333 -3.66 23.76 24.36
N SER A 334 -5.21 24.77 24.15
N SER A 334 -3.86 25.01 23.90
CA SER A 334 -5.77 25.41 22.95
CA SER A 334 -5.08 25.44 23.20
C SER A 334 -5.53 24.58 21.67
C SER A 334 -5.37 24.59 21.94
N ARG A 335 -4.29 24.06 21.38
CA ARG A 335 -4.18 23.23 20.18
C ARG A 335 -4.56 21.76 20.42
N ILE A 336 -4.46 21.26 21.67
CA ILE A 336 -4.71 19.85 21.99
C ILE A 336 -6.05 19.67 22.69
N ARG A 337 -7.05 19.14 21.96
CA ARG A 337 -8.38 18.99 22.51
C ARG A 337 -8.96 17.60 22.26
N ARG A 338 -9.37 16.94 23.33
CA ARG A 338 -10.03 15.62 23.35
C ARG A 338 -11.28 15.63 22.42
N GLU A 339 -12.08 16.70 22.49
CA GLU A 339 -13.35 16.84 21.75
C GLU A 339 -13.17 16.82 20.23
N THR A 340 -12.19 17.58 19.67
CA THR A 340 -11.96 17.61 18.23
C THR A 340 -11.24 16.36 17.77
N ILE A 341 -10.34 15.81 18.62
CA ILE A 341 -9.63 14.55 18.30
C ILE A 341 -10.66 13.40 18.22
N ALA A 342 -11.60 13.29 19.17
CA ALA A 342 -12.62 12.22 19.14
C ALA A 342 -13.58 12.38 17.94
N ALA A 343 -13.97 13.64 17.62
CA ALA A 343 -14.88 13.92 16.51
C ALA A 343 -14.27 13.63 15.15
N GLU A 344 -12.96 13.90 14.98
CA GLU A 344 -12.26 13.68 13.70
C GLU A 344 -12.46 12.25 13.15
N ASP A 345 -12.37 11.22 14.02
CA ASP A 345 -12.54 9.83 13.58
C ASP A 345 -13.93 9.64 12.94
N VAL A 346 -14.99 10.18 13.57
CA VAL A 346 -16.37 10.07 13.08
C VAL A 346 -16.51 10.82 11.78
N LEU A 347 -15.90 12.02 11.67
CA LEU A 347 -15.97 12.81 10.45
C LEU A 347 -15.30 12.11 9.28
N HIS A 348 -14.27 11.30 9.56
CA HIS A 348 -13.67 10.46 8.51
C HIS A 348 -14.65 9.36 8.08
N ASP A 349 -15.34 8.72 9.06
CA ASP A 349 -16.29 7.64 8.79
C ASP A 349 -17.48 8.12 7.98
N LEU A 350 -17.92 9.37 8.20
CA LEU A 350 -19.05 9.96 7.48
C LEU A 350 -18.65 10.55 6.11
N GLY A 351 -17.34 10.65 5.84
CA GLY A 351 -16.88 11.21 4.60
C GLY A 351 -16.79 12.73 4.58
N ALA A 352 -16.72 13.38 5.76
CA ALA A 352 -16.60 14.85 5.81
C ALA A 352 -15.12 15.27 5.70
N PHE A 353 -14.19 14.36 6.08
CA PHE A 353 -12.74 14.55 5.92
C PHE A 353 -12.41 13.57 4.82
N SER A 354 -11.72 14.04 3.77
CA SER A 354 -11.51 13.30 2.53
C SER A 354 -10.15 12.68 2.28
N LEU A 355 -9.11 13.09 3.02
CA LEU A 355 -7.73 12.62 2.83
C LEU A 355 -7.08 12.31 4.14
N THR A 356 -6.08 11.42 4.12
CA THR A 356 -5.20 11.17 5.25
C THR A 356 -3.80 11.46 4.69
N SER A 357 -2.85 11.80 5.57
CA SER A 357 -1.49 12.19 5.20
C SER A 357 -0.63 12.04 6.46
N SER A 358 0.69 12.17 6.33
CA SER A 358 1.54 11.97 7.52
C SER A 358 1.77 13.21 8.35
N ASP A 359 2.46 14.23 7.79
CA ASP A 359 3.06 15.41 8.42
C ASP A 359 4.42 14.87 8.91
N SER A 360 5.17 14.27 7.98
CA SER A 360 6.39 13.51 8.26
C SER A 360 7.44 14.20 9.14
N GLN A 361 7.68 13.60 10.33
CA GLN A 361 8.64 14.08 11.35
C GLN A 361 8.37 15.52 11.80
N ALA A 362 7.12 15.97 11.68
CA ALA A 362 6.72 17.30 12.10
C ALA A 362 5.30 17.20 12.59
N MET A 363 5.08 16.31 13.56
CA MET A 363 3.79 15.89 14.16
C MET A 363 3.09 14.93 13.19
N GLY A 364 3.83 13.88 12.80
CA GLY A 364 3.36 12.87 11.86
C GLY A 364 4.36 11.76 11.60
N ARG A 365 3.87 10.58 11.28
CA ARG A 365 4.68 9.38 11.09
C ARG A 365 4.62 8.92 9.65
N VAL A 366 5.76 9.07 8.93
CA VAL A 366 5.85 8.77 7.50
C VAL A 366 5.48 7.34 7.09
N GLY A 367 5.74 6.35 7.94
CA GLY A 367 5.46 4.97 7.56
C GLY A 367 4.11 4.49 8.02
N GLU A 368 3.27 5.41 8.56
CA GLU A 368 1.99 5.00 9.18
C GLU A 368 0.72 5.65 8.61
N VAL A 369 0.76 6.19 7.38
CA VAL A 369 -0.47 6.80 6.79
C VAL A 369 -1.53 5.70 6.53
N ILE A 370 -1.10 4.61 5.92
CA ILE A 370 -2.01 3.54 5.50
C ILE A 370 -2.52 2.80 6.74
N LEU A 371 -1.58 2.34 7.58
CA LEU A 371 -1.82 1.61 8.81
C LEU A 371 -2.86 2.36 9.67
N ARG A 372 -2.65 3.66 9.91
CA ARG A 372 -3.58 4.42 10.78
C ARG A 372 -4.94 4.65 10.11
N THR A 373 -4.98 4.74 8.77
CA THR A 373 -6.27 4.89 8.07
C THR A 373 -7.15 3.65 8.36
N TRP A 374 -6.55 2.45 8.29
CA TRP A 374 -7.25 1.20 8.56
C TRP A 374 -7.62 1.01 10.01
N GLN A 375 -6.80 1.52 10.93
CA GLN A 375 -7.10 1.46 12.36
C GLN A 375 -8.35 2.31 12.68
N VAL A 376 -8.51 3.49 12.01
CA VAL A 376 -9.69 4.34 12.16
C VAL A 376 -10.94 3.57 11.65
N ALA A 377 -10.86 2.99 10.44
CA ALA A 377 -11.96 2.21 9.85
C ALA A 377 -12.41 1.08 10.79
N HIS A 378 -11.45 0.38 11.42
CA HIS A 378 -11.73 -0.71 12.37
C HIS A 378 -12.44 -0.14 13.61
N ARG A 379 -11.90 0.92 14.22
CA ARG A 379 -12.47 1.52 15.43
C ARG A 379 -13.87 2.08 15.18
N MET A 380 -14.13 2.54 13.97
CA MET A 380 -15.43 3.06 13.57
C MET A 380 -16.41 1.93 13.33
N LYS A 381 -15.98 0.82 12.72
CA LYS A 381 -16.87 -0.34 12.54
C LYS A 381 -17.34 -0.85 13.92
N VAL A 382 -16.40 -1.02 14.83
CA VAL A 382 -16.60 -1.53 16.19
C VAL A 382 -17.57 -0.63 16.98
N GLN A 383 -17.42 0.70 16.89
CA GLN A 383 -18.26 1.65 17.63
C GLN A 383 -19.58 2.00 16.95
N ARG A 384 -19.57 2.14 15.62
CA ARG A 384 -20.74 2.62 14.90
C ARG A 384 -21.51 1.57 14.09
N GLY A 385 -20.92 0.40 13.85
CA GLY A 385 -21.55 -0.64 13.03
C GLY A 385 -21.44 -0.33 11.54
N ALA A 386 -22.40 -0.82 10.76
CA ALA A 386 -22.38 -0.64 9.31
C ALA A 386 -22.74 0.78 8.84
N LEU A 387 -22.12 1.21 7.75
CA LEU A 387 -22.48 2.52 7.19
C LEU A 387 -23.87 2.45 6.55
N ALA A 388 -24.55 3.59 6.42
CA ALA A 388 -25.87 3.66 5.75
C ALA A 388 -25.76 3.17 4.28
N GLU A 389 -24.60 3.40 3.63
CA GLU A 389 -24.36 3.02 2.22
C GLU A 389 -24.07 1.52 2.04
N GLU A 390 -23.81 0.82 3.12
CA GLU A 390 -23.41 -0.58 3.08
C GLU A 390 -24.51 -1.53 2.61
N THR A 391 -24.18 -2.43 1.67
CA THR A 391 -25.08 -3.49 1.17
C THR A 391 -24.34 -4.79 1.49
N GLY A 392 -25.10 -5.84 1.71
CA GLY A 392 -24.54 -7.15 2.01
C GLY A 392 -23.98 -7.29 3.40
N ASP A 393 -23.50 -8.49 3.72
CA ASP A 393 -22.93 -8.77 5.02
C ASP A 393 -21.39 -8.65 4.91
N ASN A 394 -20.89 -7.41 4.76
CA ASN A 394 -19.47 -7.14 4.57
C ASN A 394 -19.22 -5.67 4.79
N ASP A 395 -17.93 -5.23 4.77
CA ASP A 395 -17.58 -3.83 4.97
C ASP A 395 -17.06 -3.18 3.68
N ASN A 396 -17.46 -3.71 2.52
CA ASN A 396 -16.99 -3.23 1.22
C ASN A 396 -17.08 -1.72 1.03
N PHE A 397 -18.23 -1.11 1.38
CA PHE A 397 -18.34 0.34 1.19
C PHE A 397 -17.41 1.12 2.10
N ARG A 398 -17.33 0.74 3.38
CA ARG A 398 -16.42 1.41 4.30
C ARG A 398 -14.98 1.28 3.76
N VAL A 399 -14.58 0.11 3.26
CA VAL A 399 -13.24 -0.10 2.69
C VAL A 399 -12.98 0.84 1.50
N LYS A 400 -13.97 0.97 0.56
CA LYS A 400 -13.85 1.87 -0.61
C LYS A 400 -13.74 3.31 -0.18
N ARG A 401 -14.49 3.71 0.83
CA ARG A 401 -14.46 5.09 1.38
C ARG A 401 -13.07 5.41 1.98
N TYR A 402 -12.52 4.49 2.77
CA TYR A 402 -11.22 4.70 3.41
C TYR A 402 -10.04 4.58 2.47
N ILE A 403 -10.06 3.64 1.51
CA ILE A 403 -8.92 3.54 0.60
C ILE A 403 -8.79 4.80 -0.27
N ALA A 404 -9.92 5.47 -0.57
CA ALA A 404 -9.93 6.70 -1.39
C ALA A 404 -9.17 7.81 -0.71
N LYS A 405 -9.12 7.81 0.64
CA LYS A 405 -8.47 8.85 1.45
C LYS A 405 -6.98 8.95 1.21
N TYR A 406 -6.30 7.85 0.83
CA TYR A 406 -4.84 7.93 0.61
C TYR A 406 -4.39 7.58 -0.80
N THR A 407 -5.36 7.41 -1.72
CA THR A 407 -5.07 7.05 -3.10
C THR A 407 -5.65 8.12 -4.04
N ILE A 408 -6.93 7.98 -4.46
CA ILE A 408 -7.52 8.90 -5.44
C ILE A 408 -7.73 10.34 -4.95
N ASN A 409 -8.19 10.55 -3.71
CA ASN A 409 -8.48 11.92 -3.25
C ASN A 409 -7.26 12.82 -3.15
N PRO A 410 -6.11 12.36 -2.59
CA PRO A 410 -4.90 13.22 -2.64
C PRO A 410 -4.49 13.51 -4.08
N ALA A 411 -4.64 12.53 -5.00
CA ALA A 411 -4.27 12.73 -6.40
C ALA A 411 -5.12 13.81 -7.05
N LEU A 412 -6.44 13.76 -6.80
CA LEU A 412 -7.40 14.74 -7.36
C LEU A 412 -7.08 16.15 -6.79
N THR A 413 -6.81 16.23 -5.47
CA THR A 413 -6.49 17.48 -4.76
C THR A 413 -5.27 18.17 -5.35
N HIS A 414 -4.22 17.37 -5.72
CA HIS A 414 -2.97 17.93 -6.22
C HIS A 414 -2.79 17.98 -7.72
N GLY A 415 -3.85 17.62 -8.46
CA GLY A 415 -3.82 17.67 -9.92
C GLY A 415 -2.95 16.66 -10.60
N ILE A 416 -2.86 15.46 -10.03
CA ILE A 416 -2.01 14.39 -10.56
C ILE A 416 -2.78 13.11 -10.84
N ALA A 417 -4.12 13.15 -10.75
CA ALA A 417 -5.01 11.99 -10.95
C ALA A 417 -5.02 11.46 -12.36
N HIS A 418 -4.47 12.23 -13.32
CA HIS A 418 -4.35 11.74 -14.69
C HIS A 418 -3.17 10.76 -14.78
N GLU A 419 -2.24 10.76 -13.78
CA GLU A 419 -1.07 9.85 -13.80
C GLU A 419 -1.15 8.72 -12.79
N VAL A 420 -1.55 9.02 -11.55
CA VAL A 420 -1.51 8.05 -10.45
C VAL A 420 -2.80 8.07 -9.62
N GLY A 421 -2.84 7.32 -8.53
CA GLY A 421 -3.95 7.38 -7.58
C GLY A 421 -4.97 6.26 -7.60
N SER A 422 -4.97 5.39 -8.61
CA SER A 422 -5.97 4.31 -8.67
C SER A 422 -5.51 3.30 -9.70
N ILE A 423 -6.12 2.12 -9.70
CA ILE A 423 -5.81 1.08 -10.68
C ILE A 423 -6.80 1.28 -11.83
N GLU A 424 -6.41 2.11 -12.80
CA GLU A 424 -7.25 2.40 -13.96
C GLU A 424 -6.37 2.39 -15.18
N VAL A 425 -6.92 1.99 -16.33
CA VAL A 425 -6.20 1.91 -17.60
C VAL A 425 -5.53 3.25 -17.93
N GLY A 426 -4.28 3.21 -18.35
CA GLY A 426 -3.54 4.41 -18.75
C GLY A 426 -2.72 5.07 -17.67
N LYS A 427 -2.95 4.71 -16.39
CA LYS A 427 -2.22 5.30 -15.26
C LYS A 427 -0.90 4.56 -15.04
N LEU A 428 0.06 5.21 -14.39
CA LEU A 428 1.35 4.60 -14.07
C LEU A 428 1.13 3.36 -13.22
N ALA A 429 1.89 2.29 -13.50
CA ALA A 429 1.71 1.04 -12.76
C ALA A 429 2.47 1.05 -11.41
N ASP A 430 1.96 1.84 -10.47
CA ASP A 430 2.49 1.91 -9.10
C ASP A 430 1.51 1.02 -8.37
N LEU A 431 1.94 -0.19 -7.99
CA LEU A 431 1.04 -1.18 -7.40
C LEU A 431 1.65 -1.80 -6.18
N VAL A 432 0.81 -2.19 -5.25
CA VAL A 432 1.26 -2.78 -4.00
C VAL A 432 0.54 -4.11 -3.84
N VAL A 433 1.32 -5.18 -3.59
CA VAL A 433 0.82 -6.54 -3.40
C VAL A 433 0.91 -6.85 -1.91
N TRP A 434 -0.22 -7.27 -1.33
CA TRP A 434 -0.32 -7.59 0.10
C TRP A 434 -0.77 -9.01 0.33
N SER A 435 -0.22 -9.65 1.34
CA SER A 435 -0.80 -10.92 1.77
C SER A 435 -1.96 -10.47 2.71
N PRO A 436 -3.15 -11.11 2.68
CA PRO A 436 -4.26 -10.66 3.56
C PRO A 436 -3.93 -10.53 5.04
N ALA A 437 -3.07 -11.43 5.59
CA ALA A 437 -2.69 -11.39 7.02
C ALA A 437 -1.84 -10.16 7.38
N PHE A 438 -1.21 -9.54 6.37
CA PHE A 438 -0.35 -8.36 6.56
C PHE A 438 -0.89 -7.14 5.83
N PHE A 439 -2.16 -7.19 5.38
CA PHE A 439 -2.78 -6.07 4.66
C PHE A 439 -2.65 -4.75 5.44
N GLY A 440 -2.13 -3.73 4.76
CA GLY A 440 -1.98 -2.41 5.35
C GLY A 440 -0.79 -2.23 6.26
N VAL A 441 -0.06 -3.33 6.57
CA VAL A 441 1.06 -3.31 7.52
C VAL A 441 2.43 -3.52 6.87
N LYS A 442 2.59 -4.66 6.18
CA LYS A 442 3.86 -5.07 5.56
C LYS A 442 3.55 -5.67 4.21
N PRO A 443 3.83 -4.95 3.13
CA PRO A 443 3.53 -5.47 1.79
C PRO A 443 4.48 -6.58 1.32
N ALA A 444 4.04 -7.42 0.40
CA ALA A 444 4.83 -8.49 -0.18
C ALA A 444 5.66 -7.93 -1.35
N THR A 445 5.16 -6.91 -2.06
CA THR A 445 5.86 -6.37 -3.24
C THR A 445 5.39 -4.95 -3.50
N VAL A 446 6.33 -4.06 -3.80
CA VAL A 446 5.99 -2.68 -4.16
C VAL A 446 6.51 -2.47 -5.59
N ILE A 447 5.60 -2.23 -6.51
CA ILE A 447 5.95 -2.05 -7.92
C ILE A 447 5.91 -0.54 -8.23
N LYS A 448 6.98 0.04 -8.82
CA LYS A 448 7.01 1.46 -9.20
C LYS A 448 7.11 1.49 -10.72
N GLY A 449 6.13 2.09 -11.39
CA GLY A 449 6.19 2.21 -12.86
C GLY A 449 6.48 0.94 -13.61
N GLY A 450 5.94 -0.18 -13.16
CA GLY A 450 6.13 -1.45 -13.83
C GLY A 450 7.31 -2.31 -13.42
N MET A 451 8.19 -1.82 -12.54
CA MET A 451 9.32 -2.62 -12.02
C MET A 451 9.20 -2.74 -10.51
N ILE A 452 9.57 -3.90 -9.96
CA ILE A 452 9.57 -4.08 -8.51
C ILE A 452 10.67 -3.15 -7.97
N ALA A 453 10.31 -2.24 -7.03
CA ALA A 453 11.29 -1.27 -6.49
C ALA A 453 11.80 -1.65 -5.09
N ILE A 454 10.97 -2.32 -4.31
CA ILE A 454 11.34 -2.75 -2.95
C ILE A 454 10.44 -3.95 -2.58
N ALA A 455 10.99 -4.87 -1.81
CA ALA A 455 10.28 -6.08 -1.43
C ALA A 455 10.99 -6.69 -0.23
N PRO A 456 10.28 -7.51 0.59
CA PRO A 456 10.99 -8.25 1.64
C PRO A 456 11.88 -9.29 0.97
N MET A 457 13.13 -9.43 1.43
CA MET A 457 14.04 -10.36 0.77
C MET A 457 14.83 -11.09 1.83
N GLY A 458 14.93 -12.41 1.68
CA GLY A 458 15.70 -13.22 2.62
C GLY A 458 17.16 -13.33 2.26
N ASP A 459 17.85 -14.16 3.00
CA ASP A 459 19.28 -14.41 2.86
C ASP A 459 19.74 -14.37 1.40
N ILE A 460 20.65 -13.46 1.07
CA ILE A 460 21.13 -13.26 -0.31
C ILE A 460 21.85 -14.50 -0.87
N ASN A 461 22.62 -15.16 -0.01
CA ASN A 461 23.37 -16.35 -0.33
C ASN A 461 22.53 -17.63 -0.27
N ALA A 462 21.26 -17.56 0.17
CA ALA A 462 20.44 -18.80 0.32
C ALA A 462 20.06 -19.46 -1.01
N SER A 463 19.62 -20.75 -0.95
CA SER A 463 19.22 -21.54 -2.11
C SER A 463 17.85 -21.10 -2.65
N ILE A 464 17.14 -20.25 -1.90
CA ILE A 464 15.83 -19.67 -2.23
C ILE A 464 15.71 -18.29 -1.59
N PRO A 465 14.72 -17.45 -1.96
CA PRO A 465 14.66 -16.11 -1.39
C PRO A 465 13.93 -15.97 -0.05
N THR A 466 13.35 -17.06 0.45
CA THR A 466 12.54 -17.06 1.69
C THR A 466 13.28 -17.28 3.03
N PRO A 467 14.50 -17.90 3.08
CA PRO A 467 15.17 -18.08 4.38
C PRO A 467 15.54 -16.80 5.12
N GLN A 468 15.49 -16.87 6.44
CA GLN A 468 15.76 -15.78 7.35
C GLN A 468 17.21 -15.24 7.30
N PRO A 469 17.46 -13.93 7.55
CA PRO A 469 16.49 -12.88 7.92
C PRO A 469 15.80 -12.27 6.71
N VAL A 470 14.49 -12.09 6.79
CA VAL A 470 13.74 -11.46 5.71
C VAL A 470 13.51 -10.02 6.15
N HIS A 471 14.00 -9.08 5.35
CA HIS A 471 13.81 -7.67 5.60
C HIS A 471 13.72 -6.91 4.28
N TYR A 472 13.16 -5.71 4.29
CA TYR A 472 12.98 -4.91 3.05
C TYR A 472 14.30 -4.42 2.48
N ARG A 473 14.51 -4.69 1.20
CA ARG A 473 15.75 -4.34 0.51
C ARG A 473 15.40 -3.72 -0.84
N PRO A 474 16.13 -2.68 -1.30
CA PRO A 474 15.80 -2.09 -2.62
C PRO A 474 16.04 -3.06 -3.77
N MET A 475 15.14 -3.03 -4.77
CA MET A 475 15.21 -3.91 -5.94
C MET A 475 15.66 -3.13 -7.18
N PHE A 476 15.59 -3.77 -8.37
CA PHE A 476 16.10 -3.13 -9.61
C PHE A 476 15.39 -1.82 -10.01
N GLY A 477 14.11 -1.69 -9.65
CA GLY A 477 13.31 -0.48 -9.91
C GLY A 477 13.78 0.74 -9.14
N ALA A 478 14.66 0.55 -8.15
CA ALA A 478 15.20 1.62 -7.31
C ALA A 478 16.67 1.95 -7.68
N LEU A 479 17.25 1.30 -8.73
CA LEU A 479 18.64 1.54 -9.12
C LEU A 479 18.84 2.44 -10.31
N GLY A 480 19.80 3.36 -10.17
CA GLY A 480 20.29 4.25 -11.23
C GLY A 480 19.26 4.63 -12.28
N SER A 481 19.60 4.36 -13.55
CA SER A 481 18.79 4.65 -14.72
C SER A 481 17.46 3.93 -14.82
N ALA A 482 17.34 2.69 -14.26
CA ALA A 482 16.03 1.99 -14.22
C ALA A 482 15.07 2.82 -13.32
N ARG A 483 15.57 3.32 -12.16
CA ARG A 483 14.77 4.18 -11.27
C ARG A 483 14.26 5.42 -12.00
N HIS A 484 15.12 6.11 -12.78
CA HIS A 484 14.73 7.32 -13.52
C HIS A 484 13.58 7.06 -14.48
N HIS A 485 13.56 5.89 -15.11
CA HIS A 485 12.52 5.50 -16.07
C HIS A 485 11.18 5.17 -15.38
N CYS A 486 11.22 4.75 -14.11
CA CYS A 486 10.08 4.25 -13.33
C CYS A 486 9.48 5.19 -12.33
N ARG A 487 9.98 6.42 -12.24
CA ARG A 487 9.45 7.40 -11.29
C ARG A 487 9.11 8.70 -12.04
N LEU A 488 8.28 9.55 -11.42
CA LEU A 488 7.91 10.82 -12.02
C LEU A 488 8.32 11.97 -11.13
N THR A 489 8.76 13.06 -11.72
CA THR A 489 8.92 14.30 -11.01
C THR A 489 7.78 15.11 -11.59
N PHE A 490 6.93 15.64 -10.74
CA PHE A 490 5.82 16.48 -11.18
C PHE A 490 6.30 17.92 -11.21
N LEU A 491 5.91 18.65 -12.25
CA LEU A 491 6.25 20.06 -12.43
C LEU A 491 4.98 20.87 -12.66
N SER A 492 5.06 22.19 -12.44
CA SER A 492 3.96 23.08 -12.77
C SER A 492 3.98 23.23 -14.31
N GLN A 493 2.89 23.70 -14.90
CA GLN A 493 2.83 23.91 -16.35
C GLN A 493 3.86 24.95 -16.81
N ALA A 494 4.08 26.00 -16.01
CA ALA A 494 5.05 27.06 -16.34
C ALA A 494 6.47 26.52 -16.35
N ALA A 495 6.84 25.65 -15.39
CA ALA A 495 8.21 25.10 -15.36
C ALA A 495 8.48 24.19 -16.55
N ALA A 496 7.51 23.36 -16.93
CA ALA A 496 7.64 22.45 -18.06
C ALA A 496 7.78 23.25 -19.36
N ALA A 497 6.93 24.26 -19.56
CA ALA A 497 6.97 25.15 -20.73
C ALA A 497 8.31 25.88 -20.83
N ASN A 498 8.88 26.32 -19.69
CA ASN A 498 10.17 27.02 -19.63
C ASN A 498 11.45 26.16 -19.72
N GLY A 499 11.30 24.85 -19.90
CA GLY A 499 12.42 23.94 -20.05
C GLY A 499 13.25 23.74 -18.79
N VAL A 500 12.62 23.75 -17.61
CA VAL A 500 13.28 23.50 -16.31
C VAL A 500 13.94 22.10 -16.29
N ALA A 501 13.24 21.08 -16.78
CA ALA A 501 13.80 19.71 -16.83
C ALA A 501 15.11 19.66 -17.63
N GLU A 502 15.17 20.35 -18.79
CA GLU A 502 16.40 20.36 -19.60
C GLU A 502 17.49 21.19 -18.95
N ARG A 503 17.13 22.36 -18.37
CA ARG A 503 18.08 23.24 -17.72
C ARG A 503 18.76 22.58 -16.53
N LEU A 504 18.00 21.84 -15.70
CA LEU A 504 18.58 21.20 -14.52
C LEU A 504 19.15 19.85 -14.83
N ASN A 505 18.93 19.34 -16.07
CA ASN A 505 19.38 18.03 -16.50
C ASN A 505 18.70 16.91 -15.67
N LEU A 506 17.40 17.09 -15.41
CA LEU A 506 16.61 16.10 -14.66
C LEU A 506 16.57 14.84 -15.50
N ARG A 507 16.84 13.69 -14.89
CA ARG A 507 16.89 12.42 -15.62
C ARG A 507 15.61 11.58 -15.59
N SER A 508 14.71 11.85 -14.66
CA SER A 508 13.49 11.05 -14.53
C SER A 508 12.43 11.49 -15.52
N ALA A 509 11.41 10.64 -15.70
CA ALA A 509 10.23 10.97 -16.51
C ALA A 509 9.55 12.18 -15.83
N ILE A 510 8.98 13.09 -16.62
CA ILE A 510 8.33 14.31 -16.14
C ILE A 510 6.82 14.22 -16.35
N ALA A 511 6.04 14.70 -15.38
CA ALA A 511 4.59 14.81 -15.57
C ALA A 511 4.22 16.22 -15.12
N VAL A 512 3.11 16.74 -15.62
CA VAL A 512 2.71 18.12 -15.34
C VAL A 512 1.38 18.11 -14.57
N VAL A 513 1.24 18.96 -13.54
CA VAL A 513 -0.02 19.03 -12.78
C VAL A 513 -1.06 19.88 -13.53
N LYS A 514 -2.31 19.50 -13.42
CA LYS A 514 -3.42 20.22 -14.05
C LYS A 514 -4.72 19.89 -13.34
N GLY A 515 -5.65 20.84 -13.35
CA GLY A 515 -6.96 20.70 -12.73
C GLY A 515 -6.98 20.91 -11.24
N CYS A 516 -6.07 21.76 -10.70
CA CYS A 516 -6.03 22.03 -9.25
C CYS A 516 -7.11 23.02 -8.82
N ARG A 517 -7.56 23.88 -9.74
CA ARG A 517 -8.48 24.96 -9.37
C ARG A 517 -9.94 24.61 -9.48
N THR A 518 -10.24 23.58 -10.26
CA THR A 518 -11.63 23.17 -10.49
C THR A 518 -12.09 22.02 -9.61
N VAL A 519 -11.20 21.44 -8.80
CA VAL A 519 -11.58 20.35 -7.91
C VAL A 519 -12.32 20.95 -6.70
N GLN A 520 -13.38 20.30 -6.24
CA GLN A 520 -14.14 20.81 -5.10
C GLN A 520 -14.50 19.64 -4.22
N LYS A 521 -15.11 19.89 -3.03
CA LYS A 521 -15.51 18.82 -2.11
C LYS A 521 -16.37 17.73 -2.80
N ALA A 522 -17.27 18.13 -3.71
CA ALA A 522 -18.18 17.18 -4.38
C ALA A 522 -17.44 16.16 -5.24
N ASP A 523 -16.20 16.47 -5.63
CA ASP A 523 -15.33 15.59 -6.45
C ASP A 523 -14.58 14.55 -5.62
N MET A 524 -14.57 14.69 -4.28
CA MET A 524 -13.84 13.75 -3.42
C MET A 524 -14.59 12.40 -3.42
N VAL A 525 -13.95 11.35 -3.95
CA VAL A 525 -14.58 10.03 -4.12
C VAL A 525 -14.99 9.45 -2.77
N HIS A 526 -16.31 9.17 -2.63
CA HIS A 526 -16.97 8.61 -1.43
C HIS A 526 -16.75 9.44 -0.17
N ASN A 527 -16.27 10.70 -0.31
CA ASN A 527 -15.94 11.59 0.83
C ASN A 527 -16.30 13.04 0.49
N SER A 528 -17.56 13.25 0.09
CA SER A 528 -18.06 14.54 -0.38
C SER A 528 -19.05 15.21 0.57
N LEU A 529 -19.13 14.74 1.80
CA LEU A 529 -20.07 15.30 2.77
C LEU A 529 -19.73 16.71 3.20
N GLN A 530 -20.73 17.61 3.19
CA GLN A 530 -20.59 18.99 3.67
C GLN A 530 -21.54 19.12 4.87
N PRO A 531 -21.11 18.70 6.08
CA PRO A 531 -22.05 18.77 7.22
C PRO A 531 -22.23 20.16 7.79
N ASN A 532 -23.36 20.38 8.49
CA ASN A 532 -23.61 21.65 9.18
C ASN A 532 -22.95 21.48 10.54
N ILE A 533 -21.68 21.85 10.62
CA ILE A 533 -20.83 21.64 11.78
C ILE A 533 -20.57 22.90 12.60
N THR A 534 -20.61 22.76 13.93
CA THR A 534 -20.33 23.84 14.87
C THR A 534 -19.41 23.35 15.97
N VAL A 535 -18.59 24.26 16.49
CA VAL A 535 -17.70 24.02 17.62
C VAL A 535 -18.04 25.05 18.70
N ASP A 536 -18.28 24.58 19.92
CA ASP A 536 -18.56 25.47 21.06
C ASP A 536 -17.24 26.12 21.49
N ALA A 537 -17.15 27.47 21.45
CA ALA A 537 -15.94 28.21 21.84
C ALA A 537 -15.49 27.94 23.28
N GLN A 538 -16.42 27.64 24.22
CA GLN A 538 -16.11 27.37 25.63
C GLN A 538 -15.68 25.90 25.91
N THR A 539 -16.56 24.93 25.59
CA THR A 539 -16.37 23.48 25.84
C THR A 539 -15.64 22.70 24.71
N TYR A 540 -15.56 23.27 23.49
CA TYR A 540 -14.93 22.67 22.29
C TYR A 540 -15.72 21.49 21.70
N GLU A 541 -16.94 21.24 22.21
CA GLU A 541 -17.79 20.16 21.72
C GLU A 541 -18.11 20.37 20.25
N VAL A 542 -18.02 19.29 19.46
CA VAL A 542 -18.30 19.33 18.04
C VAL A 542 -19.72 18.81 17.84
N ARG A 543 -20.55 19.58 17.13
CA ARG A 543 -21.92 19.16 16.80
C ARG A 543 -22.16 19.22 15.30
N VAL A 544 -22.96 18.28 14.79
CA VAL A 544 -23.40 18.21 13.39
C VAL A 544 -24.93 18.16 13.48
N ASP A 545 -25.61 19.22 12.96
CA ASP A 545 -27.08 19.37 13.01
C ASP A 545 -27.56 19.33 14.48
N GLY A 546 -26.81 19.99 15.37
CA GLY A 546 -27.08 20.05 16.80
C GLY A 546 -26.74 18.79 17.59
N GLU A 547 -26.44 17.69 16.88
CA GLU A 547 -26.10 16.39 17.46
C GLU A 547 -24.61 16.33 17.80
N LEU A 548 -24.29 15.94 19.05
CA LEU A 548 -22.92 15.81 19.53
C LEU A 548 -22.18 14.68 18.76
N ILE A 549 -20.98 15.01 18.26
CA ILE A 549 -20.13 14.06 17.54
C ILE A 549 -18.97 13.70 18.46
N THR A 550 -18.91 12.45 18.87
CA THR A 550 -17.85 11.96 19.77
C THR A 550 -17.56 10.49 19.52
N SER A 551 -16.47 9.98 20.11
CA SER A 551 -16.07 8.58 20.01
C SER A 551 -15.27 8.25 21.27
N GLU A 552 -15.05 6.96 21.54
CA GLU A 552 -14.33 6.50 22.71
C GLU A 552 -12.89 6.14 22.35
N PRO A 553 -11.92 6.40 23.27
CA PRO A 553 -10.52 6.07 22.95
C PRO A 553 -10.22 4.58 23.04
N ALA A 554 -9.44 4.06 22.09
CA ALA A 554 -9.03 2.65 22.07
C ALA A 554 -7.96 2.39 23.12
N ASP A 555 -7.97 1.20 23.72
CA ASP A 555 -6.91 0.82 24.64
C ASP A 555 -5.93 -0.11 23.91
N VAL A 556 -6.42 -0.86 22.91
CA VAL A 556 -5.64 -1.82 22.10
C VAL A 556 -6.10 -1.64 20.65
N LEU A 557 -5.18 -1.70 19.70
CA LEU A 557 -5.50 -1.55 18.29
C LEU A 557 -5.01 -2.75 17.50
N PRO A 558 -5.66 -3.07 16.37
CA PRO A 558 -5.06 -4.06 15.48
C PRO A 558 -3.88 -3.41 14.73
N MET A 559 -3.15 -4.18 13.88
CA MET A 559 -2.03 -3.66 13.06
C MET A 559 -0.98 -2.98 13.92
N ALA A 560 -0.75 -3.54 15.12
CA ALA A 560 0.17 -2.96 16.08
C ALA A 560 1.12 -4.02 16.66
N GLN A 561 1.00 -4.40 17.96
CA GLN A 561 1.94 -5.35 18.58
C GLN A 561 2.09 -6.75 17.98
N ARG A 562 1.15 -7.20 17.15
CA ARG A 562 1.31 -8.53 16.57
C ARG A 562 2.40 -8.56 15.46
N TYR A 563 2.71 -7.40 14.86
CA TYR A 563 3.54 -7.29 13.65
C TYR A 563 4.92 -6.69 13.77
N PHE A 564 5.12 -5.81 14.76
CA PHE A 564 6.34 -5.01 14.88
C PHE A 564 7.26 -5.45 15.99
N LEU A 565 8.56 -5.45 15.69
CA LEU A 565 9.59 -5.87 16.62
C LEU A 565 9.80 -4.86 17.75
N PHE A 566 9.56 -3.59 17.48
CA PHE A 566 9.68 -2.55 18.50
C PHE A 566 8.49 -1.63 18.46
N MET B 1 -9.77 -15.61 16.18
CA MET B 1 -9.35 -14.59 15.21
C MET B 1 -8.08 -15.06 14.55
N ILE B 2 -8.10 -15.16 13.21
CA ILE B 2 -6.93 -15.54 12.41
C ILE B 2 -6.68 -14.37 11.44
N PRO B 3 -5.51 -13.69 11.48
CA PRO B 3 -5.29 -12.56 10.55
C PRO B 3 -5.38 -13.00 9.10
N GLY B 4 -6.11 -12.24 8.29
CA GLY B 4 -6.27 -12.53 6.87
C GLY B 4 -7.04 -13.79 6.54
N GLU B 5 -7.79 -14.35 7.50
CA GLU B 5 -8.55 -15.58 7.23
C GLU B 5 -9.62 -15.42 6.17
N TYR B 6 -9.92 -16.52 5.44
CA TYR B 6 -10.98 -16.54 4.44
C TYR B 6 -12.25 -17.08 5.09
N HIS B 7 -13.40 -16.66 4.58
CA HIS B 7 -14.70 -17.26 4.91
C HIS B 7 -15.23 -17.62 3.53
N VAL B 8 -14.90 -18.82 3.07
CA VAL B 8 -15.23 -19.31 1.75
C VAL B 8 -16.69 -19.79 1.74
N LYS B 9 -17.46 -19.40 0.72
CA LYS B 9 -18.84 -19.83 0.54
C LYS B 9 -18.85 -21.36 0.25
N PRO B 10 -19.60 -22.19 0.98
CA PRO B 10 -19.58 -23.64 0.69
C PRO B 10 -20.13 -23.95 -0.69
N GLY B 11 -19.65 -25.03 -1.30
CA GLY B 11 -20.12 -25.42 -2.61
C GLY B 11 -19.06 -25.89 -3.56
N GLN B 12 -19.43 -25.96 -4.83
CA GLN B 12 -18.56 -26.44 -5.89
C GLN B 12 -18.62 -25.50 -7.06
N ILE B 13 -17.51 -25.48 -7.82
CA ILE B 13 -17.39 -24.68 -9.04
C ILE B 13 -17.33 -25.70 -10.17
N ALA B 14 -18.11 -25.48 -11.24
CA ALA B 14 -18.13 -26.28 -12.45
C ALA B 14 -17.12 -25.66 -13.42
N LEU B 15 -16.20 -26.47 -13.93
CA LEU B 15 -15.13 -26.00 -14.81
C LEU B 15 -15.39 -26.26 -16.28
N ASN B 16 -14.90 -25.36 -17.16
CA ASN B 16 -15.00 -25.50 -18.61
C ASN B 16 -16.41 -25.91 -19.07
N THR B 17 -17.44 -25.18 -18.62
CA THR B 17 -18.85 -25.46 -18.95
C THR B 17 -19.16 -25.08 -20.41
N GLY B 18 -20.06 -25.84 -21.03
CA GLY B 18 -20.50 -25.60 -22.41
C GLY B 18 -19.48 -25.90 -23.48
N ARG B 19 -18.48 -26.76 -23.19
CA ARG B 19 -17.46 -27.10 -24.19
C ARG B 19 -17.48 -28.61 -24.50
N ALA B 20 -17.13 -28.98 -25.73
CA ALA B 20 -17.09 -30.38 -26.15
C ALA B 20 -16.07 -31.16 -25.33
N THR B 21 -16.46 -32.37 -24.89
CA THR B 21 -15.60 -33.25 -24.09
C THR B 21 -15.58 -34.65 -24.69
N CYS B 22 -14.51 -35.40 -24.42
CA CYS B 22 -14.43 -36.80 -24.85
C CYS B 22 -13.55 -37.59 -23.89
N ARG B 23 -13.69 -38.91 -23.88
CA ARG B 23 -12.89 -39.77 -23.01
C ARG B 23 -12.03 -40.69 -23.83
N VAL B 24 -10.76 -40.90 -23.42
CA VAL B 24 -9.81 -41.78 -24.11
C VAL B 24 -9.06 -42.63 -23.11
N VAL B 25 -8.78 -43.89 -23.48
CA VAL B 25 -7.98 -44.80 -22.65
C VAL B 25 -6.53 -44.58 -23.09
N VAL B 26 -5.65 -44.29 -22.13
CA VAL B 26 -4.24 -44.00 -22.36
C VAL B 26 -3.41 -45.03 -21.64
N GLU B 27 -2.33 -45.52 -22.28
CA GLU B 27 -1.43 -46.46 -21.64
C GLU B 27 0.01 -46.02 -21.83
N ASN B 28 0.77 -45.98 -20.73
CA ASN B 28 2.19 -45.63 -20.84
C ASN B 28 3.00 -46.90 -21.17
N HIS B 29 3.49 -46.97 -22.42
CA HIS B 29 4.32 -48.05 -22.96
C HIS B 29 5.84 -47.81 -22.73
N GLY B 30 6.20 -46.67 -22.15
CA GLY B 30 7.59 -46.34 -21.87
C GLY B 30 8.06 -46.93 -20.56
N ASP B 31 9.35 -46.80 -20.25
CA ASP B 31 9.94 -47.31 -19.00
C ASP B 31 10.23 -46.19 -17.98
N ARG B 32 9.79 -44.96 -18.30
CA ARG B 32 9.99 -43.80 -17.42
C ARG B 32 8.64 -43.09 -17.21
N PRO B 33 8.36 -42.48 -16.03
CA PRO B 33 7.06 -41.83 -15.82
C PRO B 33 6.83 -40.60 -16.71
N ILE B 34 5.56 -40.34 -17.02
CA ILE B 34 5.10 -39.22 -17.84
C ILE B 34 4.01 -38.47 -17.10
N GLN B 35 4.15 -37.15 -16.99
CA GLN B 35 3.15 -36.29 -16.34
C GLN B 35 2.71 -35.24 -17.34
N VAL B 36 1.39 -35.06 -17.49
CA VAL B 36 0.82 -34.14 -18.47
C VAL B 36 0.03 -32.99 -17.84
N GLY B 37 0.35 -31.76 -18.22
CA GLY B 37 -0.32 -30.57 -17.69
C GLY B 37 -1.69 -30.31 -18.26
N SER B 38 -2.52 -29.54 -17.53
CA SER B 38 -3.90 -29.18 -17.87
C SER B 38 -4.13 -28.60 -19.26
N HIS B 39 -3.17 -27.82 -19.77
CA HIS B 39 -3.34 -27.10 -21.06
C HIS B 39 -2.50 -27.58 -22.23
N TYR B 40 -1.75 -28.66 -22.04
CA TYR B 40 -0.92 -29.22 -23.08
C TYR B 40 -1.85 -29.85 -24.17
N HIS B 41 -1.48 -29.70 -25.46
CA HIS B 41 -2.26 -30.27 -26.58
C HIS B 41 -2.08 -31.78 -26.53
N PHE B 42 -3.07 -32.48 -25.98
CA PHE B 42 -3.00 -33.92 -25.70
C PHE B 42 -2.53 -34.84 -26.85
N ALA B 43 -2.86 -34.51 -28.10
CA ALA B 43 -2.47 -35.30 -29.29
C ALA B 43 -0.94 -35.29 -29.53
N GLU B 44 -0.22 -34.34 -28.89
CA GLU B 44 1.21 -34.17 -29.09
C GLU B 44 2.05 -34.49 -27.85
N VAL B 45 1.48 -35.24 -26.91
CA VAL B 45 2.21 -35.73 -25.74
C VAL B 45 3.26 -36.72 -26.20
N ASN B 46 4.18 -37.06 -25.28
CA ASN B 46 5.24 -38.05 -25.43
C ASN B 46 4.74 -39.28 -26.24
N PRO B 47 5.45 -39.66 -27.34
CA PRO B 47 5.04 -40.84 -28.14
C PRO B 47 4.91 -42.18 -27.40
N ALA B 48 5.48 -42.32 -26.19
CA ALA B 48 5.36 -43.54 -25.40
C ALA B 48 3.95 -43.74 -24.84
N LEU B 49 3.10 -42.70 -24.84
CA LEU B 49 1.70 -42.83 -24.40
C LEU B 49 0.88 -43.31 -25.60
N LYS B 50 0.24 -44.47 -25.44
CA LYS B 50 -0.57 -45.09 -26.49
C LYS B 50 -2.05 -44.84 -26.28
N PHE B 51 -2.71 -44.28 -27.29
CA PHE B 51 -4.13 -43.93 -27.31
C PHE B 51 -4.52 -43.48 -28.70
N ASP B 52 -5.80 -43.18 -28.91
CA ASP B 52 -6.35 -42.71 -30.19
C ASP B 52 -6.02 -41.22 -30.36
N ARG B 53 -4.88 -40.93 -31.04
CA ARG B 53 -4.35 -39.57 -31.27
C ARG B 53 -5.27 -38.69 -32.11
N GLN B 54 -6.06 -39.29 -33.03
CA GLN B 54 -7.01 -38.58 -33.91
C GLN B 54 -8.18 -38.04 -33.09
N GLN B 55 -8.66 -38.81 -32.11
CA GLN B 55 -9.74 -38.35 -31.22
C GLN B 55 -9.29 -37.18 -30.31
N ALA B 56 -7.98 -37.13 -29.94
CA ALA B 56 -7.42 -36.10 -29.07
C ALA B 56 -7.01 -34.79 -29.75
N ALA B 57 -7.08 -34.76 -31.10
CA ALA B 57 -6.69 -33.56 -31.90
C ALA B 57 -7.52 -32.34 -31.52
N GLY B 58 -6.84 -31.27 -31.06
CA GLY B 58 -7.47 -30.03 -30.61
C GLY B 58 -8.03 -30.07 -29.20
N TYR B 59 -7.63 -31.10 -28.42
CA TYR B 59 -8.10 -31.29 -27.03
C TYR B 59 -6.97 -31.19 -25.98
N ARG B 60 -7.38 -30.93 -24.73
CA ARG B 60 -6.53 -30.85 -23.54
C ARG B 60 -7.23 -31.57 -22.39
N LEU B 61 -6.52 -31.84 -21.29
CA LEU B 61 -7.13 -32.51 -20.12
C LEU B 61 -8.19 -31.66 -19.47
N ASN B 62 -9.34 -32.28 -19.10
CA ASN B 62 -10.43 -31.57 -18.43
C ASN B 62 -10.23 -31.63 -16.94
N ILE B 63 -9.23 -30.90 -16.46
CA ILE B 63 -8.86 -30.88 -15.04
C ILE B 63 -8.66 -29.42 -14.58
N PRO B 64 -8.63 -29.13 -13.26
CA PRO B 64 -8.39 -27.74 -12.82
C PRO B 64 -7.10 -27.18 -13.41
N ALA B 65 -7.13 -25.92 -13.87
CA ALA B 65 -5.97 -25.27 -14.50
C ALA B 65 -4.74 -25.34 -13.59
N GLY B 66 -3.61 -25.75 -14.15
CA GLY B 66 -2.36 -25.83 -13.40
C GLY B 66 -2.12 -27.17 -12.72
N THR B 67 -3.07 -28.12 -12.87
CA THR B 67 -2.88 -29.45 -12.27
C THR B 67 -2.39 -30.38 -13.34
N ALA B 68 -2.05 -31.63 -12.98
CA ALA B 68 -1.52 -32.58 -13.93
C ALA B 68 -2.03 -34.01 -13.70
N VAL B 69 -1.88 -34.87 -14.73
CA VAL B 69 -2.19 -36.31 -14.63
C VAL B 69 -0.85 -37.04 -14.81
N ARG B 70 -0.53 -37.93 -13.86
CA ARG B 70 0.72 -38.71 -13.90
C ARG B 70 0.45 -40.13 -14.43
N PHE B 71 1.33 -40.63 -15.30
CA PHE B 71 1.25 -41.97 -15.86
C PHE B 71 2.55 -42.68 -15.53
N GLU B 72 2.52 -43.56 -14.51
CA GLU B 72 3.69 -44.35 -14.13
C GLU B 72 3.94 -45.39 -15.25
N PRO B 73 5.16 -45.97 -15.41
CA PRO B 73 5.34 -46.96 -16.50
C PRO B 73 4.35 -48.12 -16.40
N GLY B 74 3.74 -48.47 -17.53
CA GLY B 74 2.76 -49.55 -17.59
C GLY B 74 1.34 -49.15 -17.25
N GLN B 75 1.17 -47.99 -16.57
CA GLN B 75 -0.14 -47.50 -16.14
C GLN B 75 -1.10 -47.21 -17.31
N LYS B 76 -2.32 -47.75 -17.19
CA LYS B 76 -3.41 -47.59 -18.14
C LYS B 76 -4.52 -46.81 -17.41
N ARG B 77 -5.08 -45.79 -18.05
CA ARG B 77 -6.17 -45.01 -17.43
C ARG B 77 -7.04 -44.32 -18.45
N GLU B 78 -8.29 -44.06 -18.05
CA GLU B 78 -9.20 -43.35 -18.92
C GLU B 78 -9.17 -41.90 -18.43
N VAL B 79 -8.96 -40.96 -19.35
CA VAL B 79 -8.91 -39.53 -19.03
C VAL B 79 -10.01 -38.81 -19.75
N GLU B 80 -10.52 -37.72 -19.18
CA GLU B 80 -11.50 -36.91 -19.85
C GLU B 80 -10.80 -35.67 -20.42
N LEU B 81 -11.05 -35.38 -21.68
CA LEU B 81 -10.46 -34.28 -22.43
C LEU B 81 -11.52 -33.20 -22.74
N VAL B 82 -11.07 -31.95 -22.92
CA VAL B 82 -11.94 -30.81 -23.25
C VAL B 82 -11.34 -30.07 -24.43
N ALA B 83 -12.18 -29.63 -25.37
CA ALA B 83 -11.74 -28.94 -26.57
C ALA B 83 -11.11 -27.58 -26.27
N PHE B 84 -10.08 -27.25 -27.03
CA PHE B 84 -9.48 -25.92 -27.00
C PHE B 84 -10.51 -24.93 -27.53
N ALA B 85 -10.39 -23.66 -27.12
CA ALA B 85 -11.33 -22.63 -27.55
C ALA B 85 -10.52 -21.47 -28.15
N GLY B 86 -11.03 -20.24 -28.11
CA GLY B 86 -10.36 -19.08 -28.72
C GLY B 86 -10.29 -19.26 -30.23
N HIS B 87 -9.14 -19.00 -30.84
CA HIS B 87 -8.97 -19.17 -32.29
C HIS B 87 -8.84 -20.66 -32.69
N ARG B 88 -8.58 -21.57 -31.72
CA ARG B 88 -8.35 -23.00 -31.98
C ARG B 88 -7.15 -23.17 -32.95
N ALA B 89 -6.07 -22.41 -32.65
CA ALA B 89 -4.81 -22.46 -33.40
C ALA B 89 -3.77 -23.09 -32.48
N VAL B 90 -3.12 -24.16 -32.95
CA VAL B 90 -2.16 -24.90 -32.15
C VAL B 90 -0.76 -24.64 -32.71
N PHE B 91 0.12 -24.06 -31.87
CA PHE B 91 1.51 -23.77 -32.23
C PHE B 91 2.37 -24.27 -31.08
N GLY B 92 3.51 -24.90 -31.40
CA GLY B 92 4.40 -25.43 -30.38
C GLY B 92 4.31 -26.93 -30.26
N PHE B 93 4.48 -27.44 -29.03
CA PHE B 93 4.40 -28.84 -28.63
C PHE B 93 5.40 -29.66 -29.48
N ARG B 94 4.97 -30.67 -30.23
CA ARG B 94 5.92 -31.42 -31.06
C ARG B 94 6.00 -30.91 -32.50
N GLY B 95 5.34 -29.77 -32.76
CA GLY B 95 5.33 -29.12 -34.06
C GLY B 95 4.52 -29.87 -35.10
N GLU B 96 3.49 -30.60 -34.66
CA GLU B 96 2.63 -31.40 -35.54
C GLU B 96 1.53 -30.61 -36.23
N VAL B 97 0.99 -29.56 -35.57
CA VAL B 97 -0.10 -28.75 -36.13
C VAL B 97 0.46 -27.45 -36.72
N MET B 98 0.95 -26.51 -35.87
CA MET B 98 1.57 -25.23 -36.29
C MET B 98 0.61 -24.39 -37.14
N GLY B 99 -0.64 -24.31 -36.71
CA GLY B 99 -1.67 -23.55 -37.40
C GLY B 99 -3.07 -23.86 -36.90
N PRO B 100 -4.12 -23.38 -37.61
CA PRO B 100 -5.51 -23.63 -37.17
C PRO B 100 -5.90 -25.10 -37.20
N LEU B 101 -6.75 -25.50 -36.22
CA LEU B 101 -7.33 -26.82 -35.92
C LEU B 101 -6.80 -27.47 -34.63
N MET C 1 38.28 -10.52 10.91
CA MET C 1 37.22 -11.55 10.79
C MET C 1 36.86 -11.75 9.33
N GLU C 2 37.10 -10.70 8.50
CA GLU C 2 36.77 -10.65 7.06
C GLU C 2 35.34 -11.05 6.86
N LEU C 3 34.41 -10.40 7.59
CA LEU C 3 32.99 -10.77 7.45
C LEU C 3 32.42 -10.44 6.08
N THR C 4 31.79 -11.43 5.47
CA THR C 4 31.12 -11.28 4.18
C THR C 4 29.74 -10.66 4.42
N PRO C 5 29.04 -10.14 3.38
CA PRO C 5 27.68 -9.61 3.61
C PRO C 5 26.73 -10.63 4.24
N ARG C 6 26.77 -11.92 3.83
CA ARG C 6 25.88 -12.94 4.45
C ARG C 6 26.11 -13.12 5.93
N GLU C 7 27.38 -13.03 6.39
CA GLU C 7 27.69 -13.15 7.82
C GLU C 7 27.14 -11.97 8.57
N LYS C 8 27.24 -10.75 8.00
CA LYS C 8 26.71 -9.54 8.65
C LYS C 8 25.20 -9.56 8.73
N ASP C 9 24.58 -10.11 7.69
CA ASP C 9 23.12 -10.22 7.64
C ASP C 9 22.63 -11.15 8.74
N LYS C 10 23.34 -12.27 8.99
CA LYS C 10 22.96 -13.20 10.07
C LYS C 10 23.14 -12.56 11.47
N LEU C 11 24.03 -11.54 11.61
CA LEU C 11 24.19 -10.79 12.87
C LEU C 11 22.92 -10.06 13.23
N LEU C 12 22.21 -9.57 12.21
CA LEU C 12 20.93 -8.90 12.38
C LEU C 12 19.91 -9.91 12.93
N LEU C 13 19.86 -11.11 12.35
CA LEU C 13 18.93 -12.15 12.79
C LEU C 13 19.24 -12.55 14.26
N PHE C 14 20.54 -12.72 14.62
CA PHE C 14 20.96 -13.07 15.99
C PHE C 14 20.48 -12.01 17.01
N THR C 15 20.65 -10.72 16.66
CA THR C 15 20.25 -9.60 17.51
C THR C 15 18.74 -9.57 17.72
N ALA C 16 17.94 -9.76 16.65
CA ALA C 16 16.49 -9.81 16.77
C ALA C 16 16.07 -10.96 17.73
N ALA C 17 16.76 -12.12 17.67
CA ALA C 17 16.46 -13.24 18.57
C ALA C 17 16.81 -12.90 20.05
N LEU C 18 17.87 -12.08 20.30
CA LEU C 18 18.20 -11.63 21.68
C LEU C 18 17.02 -10.82 22.25
N VAL C 19 16.42 -9.95 21.42
CA VAL C 19 15.26 -9.15 21.84
C VAL C 19 14.13 -10.11 22.29
N ALA C 20 13.80 -11.10 21.44
CA ALA C 20 12.74 -12.11 21.67
C ALA C 20 13.02 -12.95 22.94
N GLU C 21 14.26 -13.40 23.10
CA GLU C 21 14.67 -14.23 24.24
C GLU C 21 14.45 -13.47 25.55
N ARG C 22 14.80 -12.17 25.59
CA ARG C 22 14.60 -11.35 26.78
C ARG C 22 13.12 -11.12 27.08
N ARG C 23 12.27 -11.03 26.03
CA ARG C 23 10.83 -10.83 26.24
C ARG C 23 10.15 -12.11 26.75
N LEU C 24 10.57 -13.26 26.19
CA LEU C 24 10.08 -14.57 26.61
C LEU C 24 10.40 -14.81 28.09
N ALA C 25 11.64 -14.48 28.52
CA ALA C 25 12.10 -14.61 29.92
C ALA C 25 11.23 -13.81 30.92
N ARG C 26 10.67 -12.65 30.50
CA ARG C 26 9.78 -11.77 31.29
C ARG C 26 8.35 -12.34 31.35
N GLY C 27 8.08 -13.37 30.57
CA GLY C 27 6.78 -14.04 30.52
C GLY C 27 5.80 -13.44 29.52
N LEU C 28 6.31 -12.73 28.48
CA LEU C 28 5.39 -12.15 27.47
C LEU C 28 5.01 -13.20 26.46
N LYS C 29 3.84 -13.03 25.85
CA LYS C 29 3.41 -13.85 24.73
C LYS C 29 4.06 -13.18 23.48
N LEU C 30 4.88 -13.96 22.73
CA LEU C 30 5.63 -13.42 21.60
C LEU C 30 4.80 -13.10 20.40
N ASN C 31 5.22 -12.09 19.64
CA ASN C 31 4.50 -11.69 18.44
C ASN C 31 5.15 -12.37 17.21
N TYR C 32 4.73 -11.97 16.01
CA TYR C 32 5.23 -12.57 14.76
C TYR C 32 6.73 -12.42 14.52
N PRO C 33 7.33 -11.20 14.42
CA PRO C 33 8.79 -11.13 14.18
C PRO C 33 9.61 -11.76 15.30
N GLU C 34 9.19 -11.61 16.56
CA GLU C 34 9.91 -12.23 17.71
C GLU C 34 9.96 -13.77 17.61
N SER C 35 8.84 -14.39 17.26
CA SER C 35 8.75 -15.87 17.16
C SER C 35 9.63 -16.39 16.03
N VAL C 36 9.58 -15.74 14.86
CA VAL C 36 10.41 -16.12 13.70
C VAL C 36 11.89 -15.99 14.08
N ALA C 37 12.29 -14.85 14.66
CA ALA C 37 13.70 -14.66 15.03
C ALA C 37 14.13 -15.72 16.04
N LEU C 38 13.33 -15.97 17.08
CA LEU C 38 13.71 -16.93 18.11
C LEU C 38 13.96 -18.33 17.59
N ILE C 39 13.03 -18.87 16.82
CA ILE C 39 13.18 -20.22 16.26
C ILE C 39 14.33 -20.29 15.25
N SER C 40 14.50 -19.23 14.43
CA SER C 40 15.58 -19.14 13.42
C SER C 40 16.94 -19.19 14.07
N ALA C 41 17.16 -18.40 15.14
CA ALA C 41 18.47 -18.37 15.81
C ALA C 41 18.78 -19.69 16.50
N PHE C 42 17.74 -20.43 16.99
CA PHE C 42 17.89 -21.74 17.60
C PHE C 42 18.49 -22.69 16.57
N ILE C 43 17.95 -22.67 15.34
CA ILE C 43 18.43 -23.53 14.26
C ILE C 43 19.88 -23.22 13.89
N MET C 44 20.26 -21.92 13.80
CA MET C 44 21.65 -21.54 13.48
C MET C 44 22.65 -22.08 14.51
N GLU C 45 22.30 -22.06 15.81
CA GLU C 45 23.19 -22.56 16.86
C GLU C 45 23.26 -24.09 16.82
N GLY C 46 22.15 -24.75 16.45
CA GLY C 46 22.11 -26.20 16.27
C GLY C 46 23.05 -26.64 15.15
N ALA C 47 23.10 -25.85 14.05
CA ALA C 47 24.03 -26.10 12.93
C ALA C 47 25.49 -25.93 13.40
N ARG C 48 25.75 -24.87 14.21
CA ARG C 48 27.09 -24.61 14.77
C ARG C 48 27.56 -25.80 15.68
N ASP C 49 26.62 -26.39 16.43
CA ASP C 49 26.84 -27.57 17.29
C ASP C 49 27.14 -28.84 16.50
N GLY C 50 26.74 -28.88 15.25
CA GLY C 50 26.97 -30.04 14.40
C GLY C 50 25.77 -30.96 14.33
N LYS C 51 24.56 -30.49 14.75
CA LYS C 51 23.34 -31.31 14.64
C LYS C 51 23.03 -31.49 13.16
N SER C 52 22.32 -32.58 12.79
CA SER C 52 21.97 -32.84 11.40
C SER C 52 20.77 -31.99 10.95
N VAL C 53 20.57 -31.83 9.63
CA VAL C 53 19.40 -31.13 9.09
C VAL C 53 18.09 -31.85 9.51
N ALA C 54 18.03 -33.20 9.41
CA ALA C 54 16.82 -33.95 9.78
C ALA C 54 16.46 -33.77 11.26
N SER C 55 17.46 -33.71 12.17
CA SER C 55 17.17 -33.50 13.60
C SER C 55 16.62 -32.09 13.91
N LEU C 56 17.17 -31.04 13.27
CA LEU C 56 16.70 -29.65 13.47
C LEU C 56 15.34 -29.44 12.85
N MET C 57 15.00 -30.15 11.75
CA MET C 57 13.67 -30.05 11.13
C MET C 57 12.56 -30.47 12.13
N GLU C 58 12.91 -31.39 13.04
CA GLU C 58 12.02 -31.87 14.09
C GLU C 58 12.15 -31.06 15.38
N GLU C 59 13.40 -30.82 15.87
CA GLU C 59 13.63 -30.05 17.09
C GLU C 59 13.10 -28.60 17.04
N GLY C 60 13.12 -28.00 15.86
CA GLY C 60 12.63 -26.64 15.66
C GLY C 60 11.14 -26.49 15.89
N ARG C 61 10.38 -27.61 15.95
CA ARG C 61 8.93 -27.62 16.20
C ARG C 61 8.60 -27.58 17.70
N HIS C 62 9.63 -27.61 18.55
CA HIS C 62 9.42 -27.62 20.01
C HIS C 62 10.05 -26.45 20.76
N VAL C 63 10.34 -25.35 20.06
CA VAL C 63 10.95 -24.18 20.67
C VAL C 63 9.84 -23.36 21.33
N LEU C 64 8.74 -23.12 20.61
CA LEU C 64 7.63 -22.35 21.14
C LEU C 64 6.34 -23.09 20.93
N THR C 65 5.40 -22.95 21.87
CA THR C 65 4.07 -23.56 21.79
C THR C 65 3.07 -22.42 21.59
N ARG C 66 1.81 -22.77 21.24
CA ARG C 66 0.69 -21.86 21.02
C ARG C 66 0.44 -20.97 22.25
N GLU C 67 0.68 -21.52 23.47
CA GLU C 67 0.48 -20.76 24.70
C GLU C 67 1.54 -19.68 24.98
N GLN C 68 2.68 -19.71 24.27
CA GLN C 68 3.73 -18.71 24.48
C GLN C 68 3.70 -17.58 23.40
N VAL C 69 2.74 -17.63 22.46
CA VAL C 69 2.63 -16.60 21.41
C VAL C 69 1.25 -15.96 21.41
N MET C 70 1.13 -14.78 20.80
CA MET C 70 -0.13 -14.06 20.67
C MET C 70 -1.08 -14.81 19.75
N GLU C 71 -2.38 -14.55 19.89
CA GLU C 71 -3.41 -15.15 19.04
C GLU C 71 -3.09 -14.86 17.55
N GLY C 72 -3.25 -15.87 16.71
CA GLY C 72 -3.03 -15.76 15.28
C GLY C 72 -1.61 -15.97 14.80
N VAL C 73 -0.63 -15.85 15.68
CA VAL C 73 0.80 -16.03 15.32
C VAL C 73 1.11 -17.43 14.71
N PRO C 74 0.67 -18.59 15.30
CA PRO C 74 0.97 -19.90 14.67
C PRO C 74 0.53 -20.01 13.22
N GLU C 75 -0.63 -19.42 12.88
CA GLU C 75 -1.22 -19.41 11.54
C GLU C 75 -0.51 -18.44 10.59
N MET C 76 0.18 -17.41 11.14
CA MET C 76 0.98 -16.46 10.32
C MET C 76 2.34 -17.11 9.94
N ILE C 77 2.70 -18.21 10.61
CA ILE C 77 3.97 -18.91 10.38
C ILE C 77 3.73 -20.35 9.88
N PRO C 78 3.41 -20.59 8.60
CA PRO C 78 3.25 -21.99 8.15
C PRO C 78 4.55 -22.79 8.15
N ASP C 79 5.71 -22.09 8.04
CA ASP C 79 7.02 -22.71 8.09
C ASP C 79 8.07 -21.66 8.40
N ILE C 80 9.25 -22.10 8.82
CA ILE C 80 10.40 -21.24 9.06
C ILE C 80 11.54 -21.83 8.30
N GLN C 81 12.30 -20.98 7.58
CA GLN C 81 13.45 -21.44 6.85
C GLN C 81 14.66 -20.64 7.21
N VAL C 82 15.78 -21.33 7.40
CA VAL C 82 17.05 -20.68 7.67
C VAL C 82 18.18 -21.57 7.18
N GLU C 83 19.23 -20.95 6.69
CA GLU C 83 20.46 -21.64 6.27
C GLU C 83 21.58 -21.30 7.23
N ALA C 84 22.48 -22.23 7.46
CA ALA C 84 23.64 -21.97 8.34
C ALA C 84 24.75 -22.87 7.90
N THR C 85 25.99 -22.60 8.37
CA THR C 85 27.14 -23.41 8.03
C THR C 85 27.18 -24.62 8.94
N PHE C 86 26.87 -25.78 8.37
CA PHE C 86 26.94 -27.06 9.10
C PHE C 86 28.41 -27.57 8.96
N PRO C 87 28.84 -28.65 9.64
CA PRO C 87 30.22 -29.17 9.41
C PRO C 87 30.51 -29.49 7.94
N ASP C 88 29.47 -29.87 7.20
CA ASP C 88 29.49 -30.21 5.78
C ASP C 88 28.98 -29.04 4.89
N GLY C 89 29.15 -27.80 5.34
CA GLY C 89 28.82 -26.60 4.55
C GLY C 89 27.42 -26.06 4.75
N SER C 90 27.03 -25.02 3.95
CA SER C 90 25.71 -24.42 4.08
C SER C 90 24.63 -25.42 3.74
N LYS C 91 23.58 -25.48 4.57
CA LYS C 91 22.38 -26.29 4.32
C LYS C 91 21.19 -25.49 4.72
N LEU C 92 20.06 -25.79 4.09
CA LEU C 92 18.78 -25.16 4.36
C LEU C 92 17.98 -26.02 5.33
N VAL C 93 17.47 -25.42 6.39
CA VAL C 93 16.59 -26.13 7.31
C VAL C 93 15.19 -25.54 7.13
N THR C 94 14.20 -26.38 6.80
CA THR C 94 12.81 -25.95 6.69
C THR C 94 12.07 -26.62 7.85
N VAL C 95 11.38 -25.83 8.68
CA VAL C 95 10.61 -26.34 9.81
C VAL C 95 9.14 -26.11 9.46
N HIS C 96 8.38 -27.16 9.21
CA HIS C 96 6.95 -27.04 8.88
C HIS C 96 6.13 -26.89 10.14
N ASN C 97 5.09 -26.04 10.12
CA ASN C 97 4.19 -25.76 11.26
C ASN C 97 4.96 -25.79 12.59
N PRO C 98 5.89 -24.82 12.84
CA PRO C 98 6.73 -24.91 14.03
C PRO C 98 6.03 -24.67 15.37
N ILE C 99 4.88 -23.97 15.34
CA ILE C 99 4.14 -23.64 16.56
C ILE C 99 2.82 -24.38 16.57
N ILE C 100 2.64 -25.25 17.56
CA ILE C 100 1.41 -26.04 17.73
C ILE C 100 0.86 -25.94 19.15
NI NI D . 1.03 22.27 9.76
NI NI E . 3.44 19.91 8.53
#